data_4CAE
#
_entry.id   4CAE
#
_cell.length_a   57.501
_cell.length_b   121.054
_cell.length_c   178.677
_cell.angle_alpha   90.00
_cell.angle_beta   90.00
_cell.angle_gamma   90.00
#
_symmetry.space_group_name_H-M   'P 21 21 21'
#
loop_
_entity.id
_entity.type
_entity.pdbx_description
1 polymer 'GLYCYLPEPTIDE N-TETRADECANOYLTRANSFERASE'
2 non-polymer 'MAGNESIUM ION'
3 non-polymer 'CHLORIDE ION'
4 non-polymer 4-[(2-{5-[(3-METHOXYPHENYL)METHYL]-1,3,4-OXADIAZOL-2-YL}-1-BENZOTHIOPHEN-3-YL)OXY]PIPERIDINE
5 non-polymer 'DIMETHYL SULFOXIDE'
6 non-polymer 2-oxopentadecyl-CoA
7 non-polymer 'SULFATE ION'
8 water water
#
_entity_poly.entity_id   1
_entity_poly.type   'polypeptide(L)'
_entity_poly.pdbx_seq_one_letter_code
;DYKFWYTQPVPKINDEFNESVNEPFISDNKVEDVRKDEYKLPPGYSWYVCDVKDEKDRSEIYTLLTDNYVEDDDNIFRFN
YSAEFLLWALTSPNYLKTWHIGVKYDASNKLIGFISAIPTDICIHKRTIKMAEVNFLCVHKTLRSKRLAPVLIKEITRRI
NLENIWQAIYTAGVYLPKPVSDARYYHRSINVKKLIEIGFSSLNSRLTMSRAIKLYRVEDTLNIKNMRLMKKKDVEGVHK
LLGSYLEQFNLYAVFTKEEIAHWFLPIENVIYTYVNEENGKIKDMISFYSLPSQILGNDKYSTLNAAYSFYNVTTTATFK
QLMQDAILLAKRNNFDVFNALEVMQNKSVFEDLKFGEGDGSLKYYLYNWKCASFAPAHVGIVLL
;
_entity_poly.pdbx_strand_id   A,B,C
#
loop_
_chem_comp.id
_chem_comp.type
_chem_comp.name
_chem_comp.formula
3F3 non-polymer 4-[(2-{5-[(3-METHOXYPHENYL)METHYL]-1,3,4-OXADIAZOL-2-YL}-1-BENZOTHIOPHEN-3-YL)OXY]PIPERIDINE 'C23 H23 N3 O3 S'
CL non-polymer 'CHLORIDE ION' 'Cl -1'
DMS non-polymer 'DIMETHYL SULFOXIDE' 'C2 H6 O S'
MG non-polymer 'MAGNESIUM ION' 'Mg 2'
NHW non-polymer 2-oxopentadecyl-CoA 'C36 H64 N7 O17 P3 S'
SO4 non-polymer 'SULFATE ION' 'O4 S -2'
#
# COMPACT_ATOMS: atom_id res chain seq x y z
N ASP A 1 -21.54 31.67 -18.48
CA ASP A 1 -22.83 31.43 -17.79
C ASP A 1 -23.21 29.94 -17.81
N TYR A 2 -22.57 29.12 -18.65
CA TYR A 2 -22.99 27.67 -18.79
C TYR A 2 -24.52 27.49 -18.83
N LYS A 3 -25.16 28.14 -19.82
CA LYS A 3 -26.62 28.11 -19.98
C LYS A 3 -27.10 26.64 -20.20
N PHE A 4 -26.30 25.87 -20.93
CA PHE A 4 -26.58 24.44 -21.09
C PHE A 4 -26.12 23.59 -19.93
N TRP A 5 -24.85 23.72 -19.54
CA TRP A 5 -24.36 22.87 -18.43
C TRP A 5 -25.16 23.01 -17.13
N TYR A 6 -25.74 24.20 -16.88
CA TYR A 6 -26.43 24.38 -15.61
C TYR A 6 -27.74 23.63 -15.54
N THR A 7 -28.23 23.18 -16.71
CA THR A 7 -29.52 22.40 -16.73
C THR A 7 -29.29 20.94 -16.52
N GLN A 8 -28.01 20.54 -16.43
CA GLN A 8 -27.58 19.14 -16.41
C GLN A 8 -27.23 18.77 -14.94
N PRO A 9 -27.32 17.48 -14.60
CA PRO A 9 -26.97 17.01 -13.24
C PRO A 9 -25.45 16.91 -13.11
N VAL A 10 -24.77 18.09 -13.04
CA VAL A 10 -23.32 18.15 -12.81
C VAL A 10 -23.17 19.31 -11.77
N PRO A 11 -21.99 19.40 -11.15
CA PRO A 11 -21.86 20.37 -10.07
C PRO A 11 -21.83 21.76 -10.62
N LYS A 12 -22.36 22.71 -9.82
CA LYS A 12 -22.26 24.13 -10.11
C LYS A 12 -20.83 24.55 -9.89
N ILE A 13 -20.45 25.64 -10.57
CA ILE A 13 -19.08 26.16 -10.49
C ILE A 13 -18.55 26.31 -9.03
N ASN A 14 -19.39 26.72 -8.09
CA ASN A 14 -18.95 26.83 -6.70
C ASN A 14 -19.04 25.58 -5.80
N ASP A 15 -19.64 24.47 -6.29
CA ASP A 15 -19.90 23.30 -5.45
C ASP A 15 -18.55 22.61 -5.06
N GLU A 16 -18.33 22.32 -3.76
CA GLU A 16 -17.23 21.43 -3.36
CA GLU A 16 -17.20 21.47 -3.30
C GLU A 16 -17.81 20.45 -2.34
N PHE A 17 -17.41 19.17 -2.43
CA PHE A 17 -18.05 18.14 -1.60
C PHE A 17 -17.04 17.46 -0.72
N ASN A 18 -17.42 17.07 0.51
CA ASN A 18 -16.43 16.38 1.30
CA ASN A 18 -16.61 16.26 1.43
C ASN A 18 -16.22 14.93 0.87
N GLU A 19 -15.10 14.38 1.36
CA GLU A 19 -14.59 13.05 0.91
C GLU A 19 -15.55 11.94 1.11
N SER A 20 -16.51 12.13 2.02
CA SER A 20 -17.47 11.12 2.30
C SER A 20 -18.61 11.10 1.29
N VAL A 21 -18.91 12.25 0.66
CA VAL A 21 -20.01 12.36 -0.33
C VAL A 21 -19.60 11.64 -1.63
N ASN A 22 -20.46 10.73 -2.10
CA ASN A 22 -20.10 9.94 -3.27
C ASN A 22 -21.39 9.31 -3.78
N GLU A 23 -22.17 10.01 -4.60
CA GLU A 23 -23.53 9.54 -4.92
C GLU A 23 -24.02 10.28 -6.18
N PRO A 24 -25.12 9.81 -6.82
CA PRO A 24 -25.56 10.52 -8.01
C PRO A 24 -26.14 11.85 -7.59
N PHE A 25 -26.19 12.80 -8.54
CA PHE A 25 -27.03 13.96 -8.47
C PHE A 25 -28.51 13.59 -8.46
N ILE A 26 -28.88 12.67 -9.34
CA ILE A 26 -30.29 12.26 -9.47
C ILE A 26 -30.30 10.75 -9.44
N SER A 27 -31.00 10.21 -8.44
CA SER A 27 -31.09 8.76 -8.32
CA SER A 27 -31.11 8.77 -8.21
C SER A 27 -32.45 8.23 -8.66
N ASP A 28 -32.58 6.90 -8.67
CA ASP A 28 -33.87 6.23 -8.90
C ASP A 28 -34.42 6.62 -10.27
N ASN A 29 -33.53 6.58 -11.26
CA ASN A 29 -33.91 6.83 -12.63
C ASN A 29 -34.60 5.59 -13.16
N LYS A 30 -35.58 5.78 -14.03
CA LYS A 30 -36.34 4.66 -14.57
C LYS A 30 -36.17 4.63 -16.07
N VAL A 31 -35.50 3.59 -16.60
CA VAL A 31 -35.41 3.34 -18.04
C VAL A 31 -36.75 3.55 -18.80
N GLU A 32 -37.85 3.15 -18.17
CA GLU A 32 -39.19 3.22 -18.79
C GLU A 32 -39.68 4.68 -19.01
N ASP A 33 -38.94 5.61 -18.43
CA ASP A 33 -39.33 7.01 -18.50
C ASP A 33 -38.43 7.74 -19.51
N VAL A 34 -37.41 7.10 -20.03
CA VAL A 34 -36.49 7.79 -20.94
C VAL A 34 -37.26 8.14 -22.22
N ARG A 35 -37.04 9.37 -22.74
CA ARG A 35 -37.71 9.77 -24.01
C ARG A 35 -37.39 8.79 -25.12
N LYS A 36 -38.36 8.42 -25.97
CA LYS A 36 -38.03 7.48 -27.05
C LYS A 36 -37.78 8.13 -28.40
N ASP A 37 -38.07 9.40 -28.47
CA ASP A 37 -37.95 10.19 -29.69
C ASP A 37 -36.52 10.77 -29.78
N GLU A 38 -35.96 10.76 -30.96
CA GLU A 38 -34.64 11.42 -31.20
C GLU A 38 -34.75 12.92 -30.97
N TYR A 39 -33.69 13.53 -30.40
CA TYR A 39 -33.62 15.00 -30.30
C TYR A 39 -33.67 15.61 -31.69
N LYS A 40 -34.37 16.76 -31.77
CA LYS A 40 -34.57 17.48 -33.02
C LYS A 40 -33.31 18.17 -33.42
N LEU A 41 -32.91 17.99 -34.68
CA LEU A 41 -31.81 18.74 -35.29
C LEU A 41 -32.36 19.92 -36.13
N PRO A 42 -31.53 20.92 -36.42
CA PRO A 42 -32.00 21.98 -37.30
C PRO A 42 -32.45 21.46 -38.69
N PRO A 43 -33.27 22.25 -39.41
CA PRO A 43 -33.66 21.83 -40.76
C PRO A 43 -32.49 21.52 -41.66
N GLY A 44 -32.62 20.45 -42.42
CA GLY A 44 -31.55 20.11 -43.35
C GLY A 44 -30.48 19.18 -42.77
N TYR A 45 -30.62 18.87 -41.47
CA TYR A 45 -29.71 17.95 -40.74
C TYR A 45 -30.38 16.70 -40.17
N SER A 46 -29.66 15.56 -40.18
CA SER A 46 -30.22 14.24 -39.75
C SER A 46 -29.25 13.41 -38.97
N TRP A 47 -29.78 12.62 -38.03
CA TRP A 47 -28.94 11.66 -37.34
C TRP A 47 -28.51 10.59 -38.33
N TYR A 48 -27.39 9.97 -38.05
CA TYR A 48 -26.90 8.96 -38.92
C TYR A 48 -26.24 7.90 -37.99
N VAL A 49 -26.50 6.61 -38.24
CA VAL A 49 -25.93 5.59 -37.38
C VAL A 49 -24.60 5.17 -38.02
N CYS A 50 -23.48 5.56 -37.41
CA CYS A 50 -22.17 5.09 -37.99
C CYS A 50 -21.84 3.61 -37.72
N ASP A 51 -21.44 2.90 -38.75
CA ASP A 51 -20.92 1.52 -38.57
C ASP A 51 -19.37 1.59 -38.55
N VAL A 52 -18.81 1.72 -37.33
CA VAL A 52 -17.35 1.91 -37.26
CA VAL A 52 -17.38 1.91 -37.20
C VAL A 52 -16.62 0.68 -37.79
N LYS A 53 -17.27 -0.49 -37.82
CA LYS A 53 -16.65 -1.69 -38.46
C LYS A 53 -16.65 -1.68 -40.00
N ASP A 54 -17.41 -0.77 -40.58
CA ASP A 54 -17.41 -0.63 -42.04
C ASP A 54 -16.41 0.44 -42.40
N GLU A 55 -15.44 0.03 -43.23
CA GLU A 55 -14.27 0.85 -43.57
C GLU A 55 -14.69 2.19 -44.11
N LYS A 56 -15.77 2.26 -44.91
CA LYS A 56 -16.18 3.54 -45.54
C LYS A 56 -16.83 4.51 -44.53
N ASP A 57 -17.71 3.99 -43.66
CA ASP A 57 -18.25 4.79 -42.55
C ASP A 57 -17.13 5.25 -41.65
N ARG A 58 -16.20 4.35 -41.37
CA ARG A 58 -15.09 4.64 -40.46
C ARG A 58 -14.24 5.78 -41.11
N SER A 59 -14.12 5.73 -42.43
N SER A 59 -14.04 5.77 -42.44
CA SER A 59 -13.34 6.71 -43.16
CA SER A 59 -13.25 6.88 -43.04
C SER A 59 -14.00 8.11 -43.12
C SER A 59 -14.01 8.20 -43.06
N GLU A 60 -15.33 8.18 -43.14
CA GLU A 60 -16.05 9.45 -43.02
C GLU A 60 -15.81 10.08 -41.66
N ILE A 61 -15.81 9.25 -40.61
CA ILE A 61 -15.56 9.78 -39.25
C ILE A 61 -14.12 10.28 -39.21
N TYR A 62 -13.21 9.47 -39.76
CA TYR A 62 -11.81 9.84 -39.85
C TYR A 62 -11.69 11.25 -40.49
N THR A 63 -12.35 11.46 -41.61
CA THR A 63 -12.11 12.67 -42.39
C THR A 63 -12.64 13.84 -41.56
N LEU A 64 -13.79 13.65 -40.93
CA LEU A 64 -14.36 14.67 -40.09
C LEU A 64 -13.42 15.08 -38.95
N LEU A 65 -12.81 14.11 -38.29
CA LEU A 65 -11.97 14.44 -37.16
C LEU A 65 -10.70 15.02 -37.66
N THR A 66 -10.13 14.45 -38.74
CA THR A 66 -8.91 15.02 -39.28
C THR A 66 -9.03 16.52 -39.52
N ASP A 67 -10.12 16.94 -40.14
CA ASP A 67 -10.30 18.32 -40.50
C ASP A 67 -10.79 19.24 -39.35
N ASN A 68 -11.48 18.67 -38.31
CA ASN A 68 -12.32 19.53 -37.45
C ASN A 68 -12.12 19.24 -35.96
N TYR A 69 -11.18 18.30 -35.65
CA TYR A 69 -11.05 17.91 -34.23
C TYR A 69 -10.17 18.91 -33.41
N VAL A 70 -9.78 18.47 -32.22
CA VAL A 70 -9.06 19.31 -31.26
C VAL A 70 -7.72 19.82 -31.79
N GLU A 71 -7.52 21.14 -31.62
CA GLU A 71 -6.23 21.79 -31.86
C GLU A 71 -5.55 22.20 -30.56
N ASP A 72 -4.22 22.29 -30.61
CA ASP A 72 -3.46 22.82 -29.48
C ASP A 72 -3.78 24.31 -29.33
N ASP A 73 -3.35 24.89 -28.23
CA ASP A 73 -3.77 26.23 -27.85
C ASP A 73 -3.40 27.36 -28.83
N ASP A 74 -2.32 27.17 -29.55
CA ASP A 74 -1.89 28.11 -30.59
C ASP A 74 -2.37 27.76 -32.01
N ASN A 75 -3.20 26.73 -32.14
CA ASN A 75 -3.59 26.25 -33.46
C ASN A 75 -2.44 25.97 -34.43
N ILE A 76 -1.35 25.35 -33.91
CA ILE A 76 -0.20 24.80 -34.68
C ILE A 76 -0.42 23.32 -35.04
N PHE A 77 -1.12 22.60 -34.15
CA PHE A 77 -1.34 21.14 -34.30
C PHE A 77 -2.83 20.83 -34.22
N ARG A 78 -3.24 19.76 -34.90
CA ARG A 78 -4.57 19.20 -34.74
C ARG A 78 -4.37 17.68 -34.58
N PHE A 79 -4.97 17.10 -33.55
CA PHE A 79 -5.05 15.61 -33.37
C PHE A 79 -5.45 15.01 -34.69
N ASN A 80 -4.79 13.93 -35.07
CA ASN A 80 -5.06 13.18 -36.29
C ASN A 80 -5.15 11.66 -35.90
N TYR A 81 -6.17 11.29 -35.11
CA TYR A 81 -6.36 9.85 -34.78
C TYR A 81 -6.54 9.04 -36.06
N SER A 82 -5.87 7.89 -36.17
CA SER A 82 -5.93 7.11 -37.38
C SER A 82 -7.24 6.36 -37.43
N ALA A 83 -7.62 5.93 -38.62
CA ALA A 83 -8.84 5.09 -38.74
C ALA A 83 -8.76 3.80 -37.91
N GLU A 84 -7.58 3.17 -37.93
CA GLU A 84 -7.44 1.91 -37.17
CA GLU A 84 -7.35 1.93 -37.16
C GLU A 84 -7.50 2.22 -35.65
N PHE A 85 -7.06 3.44 -35.22
CA PHE A 85 -7.21 3.83 -33.80
C PHE A 85 -8.70 3.98 -33.45
N LEU A 86 -9.46 4.62 -34.35
CA LEU A 86 -10.90 4.80 -34.07
C LEU A 86 -11.60 3.45 -33.93
N LEU A 87 -11.30 2.54 -34.80
CA LEU A 87 -11.93 1.23 -34.70
C LEU A 87 -11.65 0.60 -33.31
N TRP A 88 -10.38 0.58 -32.92
CA TRP A 88 -9.99 0.07 -31.57
C TRP A 88 -10.63 0.82 -30.42
N ALA A 89 -10.64 2.14 -30.50
CA ALA A 89 -11.20 2.95 -29.44
C ALA A 89 -12.71 2.77 -29.27
N LEU A 90 -13.39 2.42 -30.37
CA LEU A 90 -14.83 2.43 -30.37
C LEU A 90 -15.47 1.03 -30.33
N THR A 91 -14.67 -0.01 -30.49
CA THR A 91 -15.30 -1.38 -30.49
C THR A 91 -14.79 -2.29 -29.38
N SER A 92 -14.66 -1.70 -28.21
CA SER A 92 -14.32 -2.46 -27.04
C SER A 92 -15.49 -3.37 -26.59
N PRO A 93 -15.24 -4.25 -25.61
CA PRO A 93 -16.26 -5.26 -25.27
C PRO A 93 -17.60 -4.65 -24.92
N ASN A 94 -18.66 -5.25 -25.46
CA ASN A 94 -20.02 -4.87 -25.19
C ASN A 94 -20.36 -3.48 -25.73
N TYR A 95 -19.54 -3.01 -26.67
N TYR A 95 -19.53 -3.01 -26.67
CA TYR A 95 -19.80 -1.70 -27.26
CA TYR A 95 -19.80 -1.72 -27.31
C TYR A 95 -21.14 -1.79 -28.01
C TYR A 95 -21.16 -1.80 -28.00
N LEU A 96 -21.85 -0.65 -28.08
CA LEU A 96 -23.11 -0.50 -28.81
C LEU A 96 -22.87 0.37 -30.06
N LYS A 97 -23.02 -0.19 -31.25
CA LYS A 97 -23.12 0.58 -32.48
C LYS A 97 -24.01 1.84 -32.33
N THR A 98 -25.03 1.77 -31.49
CA THR A 98 -26.05 2.77 -31.34
C THR A 98 -25.53 4.04 -30.57
N TRP A 99 -24.35 3.87 -29.98
CA TRP A 99 -23.72 4.93 -29.25
C TRP A 99 -22.70 5.60 -30.09
N HIS A 100 -22.71 5.30 -31.41
CA HIS A 100 -21.71 5.93 -32.32
C HIS A 100 -22.49 6.78 -33.28
N ILE A 101 -22.61 8.10 -32.99
CA ILE A 101 -23.72 8.92 -33.51
C ILE A 101 -23.29 10.03 -34.40
N GLY A 102 -23.72 10.00 -35.63
CA GLY A 102 -23.25 10.96 -36.63
C GLY A 102 -24.34 11.93 -36.91
N VAL A 103 -24.00 13.09 -37.47
CA VAL A 103 -25.07 14.02 -37.99
C VAL A 103 -24.66 14.36 -39.41
N LYS A 104 -25.57 14.19 -40.37
CA LYS A 104 -25.30 14.51 -41.77
C LYS A 104 -26.09 15.75 -42.16
N TYR A 105 -25.51 16.44 -43.12
CA TYR A 105 -26.18 17.53 -43.78
C TYR A 105 -26.86 16.86 -44.98
N ASP A 106 -28.18 16.87 -44.99
CA ASP A 106 -28.92 16.01 -45.92
C ASP A 106 -28.54 16.29 -47.40
N ALA A 107 -28.37 17.54 -47.74
CA ALA A 107 -28.16 17.86 -49.17
C ALA A 107 -26.83 17.42 -49.77
N SER A 108 -25.75 17.31 -48.98
CA SER A 108 -24.42 16.85 -49.47
C SER A 108 -24.21 15.39 -49.07
N ASN A 109 -25.04 14.92 -48.14
CA ASN A 109 -24.93 13.62 -47.55
C ASN A 109 -23.53 13.46 -46.86
N LYS A 110 -22.93 14.57 -46.43
CA LYS A 110 -21.66 14.56 -45.69
C LYS A 110 -21.85 14.55 -44.16
N LEU A 111 -20.95 13.86 -43.47
CA LEU A 111 -20.95 13.84 -42.00
C LEU A 111 -20.49 15.22 -41.50
N ILE A 112 -21.25 15.89 -40.66
CA ILE A 112 -20.81 17.20 -40.15
C ILE A 112 -20.65 17.22 -38.60
N GLY A 113 -21.00 16.10 -37.97
CA GLY A 113 -20.99 16.05 -36.52
C GLY A 113 -20.87 14.60 -36.06
N PHE A 114 -20.33 14.39 -34.83
CA PHE A 114 -20.12 13.05 -34.27
C PHE A 114 -19.92 13.14 -32.78
N ILE A 115 -20.41 12.08 -32.10
CA ILE A 115 -20.17 11.93 -30.64
C ILE A 115 -20.23 10.42 -30.41
N SER A 116 -19.50 9.93 -29.42
CA SER A 116 -19.48 8.51 -29.21
C SER A 116 -19.28 8.17 -27.76
N ALA A 117 -19.80 7.00 -27.39
CA ALA A 117 -19.61 6.45 -26.04
C ALA A 117 -19.29 4.99 -26.12
N ILE A 118 -18.66 4.51 -25.05
CA ILE A 118 -18.45 3.05 -24.89
C ILE A 118 -18.73 2.74 -23.43
N PRO A 119 -19.10 1.49 -23.13
CA PRO A 119 -19.48 1.21 -21.72
C PRO A 119 -18.23 0.82 -20.98
N THR A 120 -18.13 1.26 -19.72
CA THR A 120 -16.96 0.92 -18.88
CA THR A 120 -16.95 0.95 -18.89
C THR A 120 -17.40 0.90 -17.42
N ASP A 121 -16.77 0.05 -16.60
CA ASP A 121 -17.05 0.09 -15.18
C ASP A 121 -16.03 1.02 -14.60
N ILE A 122 -16.52 2.06 -13.94
CA ILE A 122 -15.64 3.05 -13.33
C ILE A 122 -15.73 3.00 -11.78
N CYS A 123 -14.59 2.89 -11.14
CA CYS A 123 -14.56 2.98 -9.69
C CYS A 123 -14.09 4.38 -9.27
N ILE A 124 -15.03 5.08 -8.62
CA ILE A 124 -14.89 6.46 -8.12
C ILE A 124 -14.98 6.39 -6.57
N HIS A 125 -13.88 6.77 -5.88
CA HIS A 125 -13.88 6.76 -4.40
CA HIS A 125 -13.89 6.79 -4.39
C HIS A 125 -14.42 5.40 -3.89
N LYS A 126 -13.93 4.31 -4.48
CA LYS A 126 -14.27 2.91 -4.06
C LYS A 126 -15.73 2.47 -4.34
N ARG A 127 -16.49 3.21 -5.14
CA ARG A 127 -17.85 2.74 -5.57
C ARG A 127 -17.68 2.44 -7.05
N THR A 128 -17.98 1.21 -7.48
CA THR A 128 -17.95 0.86 -8.92
C THR A 128 -19.33 1.05 -9.55
N ILE A 129 -19.31 1.79 -10.64
CA ILE A 129 -20.55 2.21 -11.28
C ILE A 129 -20.46 1.83 -12.78
N LYS A 130 -21.61 1.38 -13.34
CA LYS A 130 -21.67 1.22 -14.82
C LYS A 130 -21.75 2.61 -15.45
N MET A 131 -20.75 2.92 -16.30
CA MET A 131 -20.72 4.24 -16.92
C MET A 131 -20.49 4.09 -18.41
N ALA A 132 -20.65 5.22 -19.06
CA ALA A 132 -20.27 5.38 -20.42
C ALA A 132 -19.13 6.36 -20.46
N GLU A 133 -18.13 6.06 -21.29
CA GLU A 133 -17.00 6.96 -21.52
C GLU A 133 -17.29 7.63 -22.84
N VAL A 134 -17.46 8.96 -22.80
CA VAL A 134 -17.79 9.79 -23.97
C VAL A 134 -16.54 10.35 -24.61
N ASN A 135 -16.51 10.32 -25.94
CA ASN A 135 -15.31 10.81 -26.64
C ASN A 135 -15.65 11.19 -28.08
N PHE A 136 -14.74 11.90 -28.70
CA PHE A 136 -14.78 12.26 -30.14
C PHE A 136 -15.94 13.17 -30.47
N LEU A 137 -16.43 13.94 -29.49
CA LEU A 137 -17.39 14.98 -29.81
C LEU A 137 -16.78 15.98 -30.80
N CYS A 138 -17.46 16.18 -31.92
CA CYS A 138 -16.91 17.05 -32.94
C CYS A 138 -18.00 17.65 -33.79
N VAL A 139 -17.98 18.98 -33.94
CA VAL A 139 -18.87 19.71 -34.87
C VAL A 139 -17.96 20.35 -35.97
N HIS A 140 -18.42 20.26 -37.23
CA HIS A 140 -17.64 20.80 -38.34
C HIS A 140 -17.33 22.27 -38.10
N LYS A 141 -16.11 22.66 -38.49
CA LYS A 141 -15.69 24.02 -38.22
C LYS A 141 -16.60 25.11 -38.79
N THR A 142 -17.27 24.80 -39.88
CA THR A 142 -18.20 25.77 -40.52
C THR A 142 -19.48 25.96 -39.73
N LEU A 143 -19.73 25.10 -38.73
CA LEU A 143 -21.04 25.11 -38.02
C LEU A 143 -20.84 25.33 -36.51
N ARG A 144 -19.74 25.94 -36.14
CA ARG A 144 -19.49 26.23 -34.71
C ARG A 144 -20.39 27.33 -34.09
N SER A 145 -20.66 27.23 -32.79
CA SER A 145 -21.40 28.22 -32.02
C SER A 145 -22.82 28.31 -32.49
N LYS A 146 -23.36 27.19 -32.98
CA LYS A 146 -24.79 27.12 -33.29
C LYS A 146 -25.57 26.27 -32.36
N ARG A 147 -24.94 25.96 -31.23
CA ARG A 147 -25.61 25.13 -30.20
C ARG A 147 -25.93 23.68 -30.70
N LEU A 148 -25.19 23.20 -31.67
CA LEU A 148 -25.31 21.77 -32.01
C LEU A 148 -24.81 20.87 -30.91
N ALA A 149 -23.72 21.30 -30.24
CA ALA A 149 -23.04 20.37 -29.29
C ALA A 149 -24.04 19.88 -28.21
N PRO A 150 -24.81 20.78 -27.59
CA PRO A 150 -25.81 20.29 -26.62
C PRO A 150 -26.82 19.28 -27.19
N VAL A 151 -27.22 19.40 -28.47
CA VAL A 151 -28.08 18.42 -29.09
C VAL A 151 -27.39 17.07 -29.17
N LEU A 152 -26.14 17.02 -29.62
CA LEU A 152 -25.40 15.77 -29.62
C LEU A 152 -25.30 15.17 -28.18
N ILE A 153 -25.02 16.02 -27.20
CA ILE A 153 -24.90 15.57 -25.84
C ILE A 153 -26.21 15.05 -25.28
N LYS A 154 -27.31 15.74 -25.54
CA LYS A 154 -28.59 15.25 -25.07
C LYS A 154 -28.99 13.93 -25.75
N GLU A 155 -28.65 13.79 -27.01
CA GLU A 155 -29.04 12.58 -27.72
C GLU A 155 -28.19 11.38 -27.24
N ILE A 156 -26.89 11.55 -27.02
CA ILE A 156 -26.13 10.38 -26.52
C ILE A 156 -26.60 10.10 -25.10
N THR A 157 -26.87 11.13 -24.31
CA THR A 157 -27.41 10.89 -22.95
C THR A 157 -28.60 10.00 -22.98
N ARG A 158 -29.58 10.33 -23.85
CA ARG A 158 -30.86 9.61 -23.97
C ARG A 158 -30.51 8.13 -24.33
N ARG A 159 -29.64 7.92 -25.31
CA ARG A 159 -29.31 6.54 -25.73
C ARG A 159 -28.60 5.75 -24.65
N ILE A 160 -27.95 6.45 -23.76
CA ILE A 160 -27.14 5.77 -22.70
C ILE A 160 -28.12 5.38 -21.63
N ASN A 161 -29.00 6.32 -21.34
CA ASN A 161 -30.05 6.07 -20.36
C ASN A 161 -30.92 4.88 -20.75
N LEU A 162 -31.25 4.73 -22.03
CA LEU A 162 -32.04 3.54 -22.49
C LEU A 162 -31.43 2.22 -22.08
N GLU A 163 -30.12 2.19 -21.87
CA GLU A 163 -29.42 1.01 -21.39
C GLU A 163 -29.33 1.00 -19.87
N ASN A 164 -30.18 1.77 -19.20
CA ASN A 164 -30.21 1.88 -17.71
C ASN A 164 -28.93 2.38 -17.08
N ILE A 165 -28.15 3.19 -17.84
CA ILE A 165 -26.85 3.71 -17.39
C ILE A 165 -27.00 5.22 -17.21
N TRP A 166 -26.56 5.73 -16.08
CA TRP A 166 -26.99 7.06 -15.60
C TRP A 166 -25.81 8.00 -15.28
N GLN A 167 -24.60 7.48 -15.50
CA GLN A 167 -23.33 8.15 -15.16
C GLN A 167 -22.42 8.08 -16.35
N ALA A 168 -21.67 9.15 -16.55
CA ALA A 168 -20.65 9.11 -17.56
C ALA A 168 -19.35 9.69 -17.13
N ILE A 169 -18.28 9.36 -17.85
CA ILE A 169 -16.92 9.94 -17.64
C ILE A 169 -16.43 10.54 -18.96
N TYR A 170 -15.81 11.72 -18.87
CA TYR A 170 -15.22 12.33 -20.05
C TYR A 170 -14.11 13.25 -19.62
N THR A 171 -13.29 13.64 -20.60
CA THR A 171 -12.17 14.61 -20.38
C THR A 171 -12.26 15.71 -21.43
N ALA A 172 -11.85 16.92 -21.08
CA ALA A 172 -11.72 18.01 -22.07
C ALA A 172 -10.54 18.87 -21.60
N GLY A 173 -9.85 19.49 -22.57
CA GLY A 173 -9.01 20.68 -22.33
C GLY A 173 -9.79 21.91 -21.84
N VAL A 174 -11.03 22.08 -22.24
CA VAL A 174 -11.77 23.26 -21.81
C VAL A 174 -12.33 23.04 -20.38
N TYR A 175 -12.38 24.12 -19.66
CA TYR A 175 -12.95 24.13 -18.31
C TYR A 175 -14.52 24.18 -18.38
N LEU A 176 -15.18 23.13 -17.87
CA LEU A 176 -16.60 23.01 -17.72
C LEU A 176 -17.04 22.72 -16.27
N PRO A 177 -18.33 22.92 -16.00
CA PRO A 177 -18.69 22.46 -14.65
C PRO A 177 -18.73 20.92 -14.51
N LYS A 178 -18.00 20.33 -13.58
CA LYS A 178 -16.93 20.97 -12.83
C LYS A 178 -15.97 19.80 -12.67
N PRO A 179 -14.64 19.99 -12.92
CA PRO A 179 -13.72 18.83 -12.93
C PRO A 179 -13.61 18.16 -11.58
N VAL A 180 -13.52 16.84 -11.62
CA VAL A 180 -13.21 16.11 -10.39
C VAL A 180 -11.68 16.02 -10.20
N SER A 181 -10.92 16.19 -11.29
CA SER A 181 -9.48 16.34 -11.29
C SER A 181 -8.96 17.13 -12.51
N ASP A 182 -7.84 17.77 -12.37
CA ASP A 182 -7.17 18.53 -13.44
C ASP A 182 -5.73 18.04 -13.57
N ALA A 183 -5.42 17.55 -14.74
CA ALA A 183 -4.05 17.11 -14.98
C ALA A 183 -3.29 17.79 -16.11
N ARG A 184 -2.18 18.43 -15.73
CA ARG A 184 -1.24 18.91 -16.74
C ARG A 184 -0.55 17.77 -17.55
N TYR A 185 -0.27 18.08 -18.81
CA TYR A 185 0.53 17.19 -19.63
C TYR A 185 1.97 17.66 -19.80
N TYR A 186 2.83 16.69 -19.97
CA TYR A 186 4.28 16.97 -20.01
C TYR A 186 4.81 16.19 -21.21
N HIS A 187 5.93 16.64 -21.76
CA HIS A 187 6.43 16.10 -23.03
C HIS A 187 7.88 15.78 -22.87
N ARG A 188 8.28 14.65 -23.37
CA ARG A 188 9.70 14.29 -23.37
C ARG A 188 10.19 14.15 -24.80
N SER A 189 11.01 15.11 -25.22
CA SER A 189 11.57 15.13 -26.60
C SER A 189 12.40 13.90 -26.92
N ILE A 190 12.14 13.33 -28.08
CA ILE A 190 12.93 12.24 -28.63
C ILE A 190 13.65 12.71 -29.87
N ASN A 191 12.89 13.16 -30.86
CA ASN A 191 13.48 13.79 -32.08
CA ASN A 191 13.46 13.76 -32.07
C ASN A 191 13.49 15.30 -31.93
N VAL A 192 14.49 15.80 -31.20
CA VAL A 192 14.50 17.23 -30.86
CA VAL A 192 14.72 17.21 -30.86
C VAL A 192 14.72 18.20 -32.05
N LYS A 193 15.52 17.87 -33.04
CA LYS A 193 15.69 18.75 -34.23
C LYS A 193 14.32 18.96 -34.88
N LYS A 194 13.60 17.88 -35.16
CA LYS A 194 12.23 18.02 -35.64
C LYS A 194 11.33 18.88 -34.75
N LEU A 195 11.28 18.59 -33.44
CA LEU A 195 10.49 19.37 -32.55
C LEU A 195 10.85 20.85 -32.58
N ILE A 196 12.15 21.15 -32.78
N ILE A 196 12.10 21.21 -32.76
CA ILE A 196 12.76 22.54 -32.88
CA ILE A 196 12.38 22.65 -32.83
C ILE A 196 12.26 23.21 -34.17
C ILE A 196 11.93 23.17 -34.19
N GLU A 197 12.27 22.44 -35.25
CA GLU A 197 11.88 22.95 -36.61
C GLU A 197 10.39 23.23 -36.76
N ILE A 198 9.53 22.43 -36.15
CA ILE A 198 8.07 22.68 -36.19
C ILE A 198 7.57 23.64 -35.07
N GLY A 199 8.51 24.09 -34.25
CA GLY A 199 8.23 24.83 -33.03
C GLY A 199 7.39 24.11 -31.96
N PHE A 200 7.63 22.82 -31.73
CA PHE A 200 7.13 22.17 -30.53
C PHE A 200 8.12 22.55 -29.42
N SER A 201 9.36 22.87 -29.78
CA SER A 201 10.45 23.09 -28.83
C SER A 201 11.28 24.27 -29.31
N SER A 202 12.09 24.82 -28.39
CA SER A 202 12.83 26.04 -28.64
C SER A 202 14.28 25.87 -28.17
N LEU A 203 15.20 26.59 -28.83
CA LEU A 203 16.59 26.75 -28.41
C LEU A 203 16.87 28.14 -27.82
N ASN A 204 17.94 28.26 -27.02
CA ASN A 204 18.45 29.58 -26.64
CA ASN A 204 18.48 29.56 -26.57
C ASN A 204 20.00 29.67 -26.84
N SER A 205 20.66 30.74 -26.35
CA SER A 205 22.11 30.81 -26.58
C SER A 205 22.91 29.81 -25.72
N ARG A 206 22.40 29.47 -24.53
CA ARG A 206 22.93 28.36 -23.72
C ARG A 206 22.73 27.04 -24.49
N LEU A 207 21.52 26.87 -25.02
CA LEU A 207 21.15 25.63 -25.67
C LEU A 207 21.19 25.77 -27.18
N THR A 208 22.36 25.54 -27.78
CA THR A 208 22.53 25.38 -29.23
C THR A 208 21.85 24.08 -29.72
N MET A 209 21.59 23.99 -31.03
CA MET A 209 21.10 22.71 -31.62
C MET A 209 21.90 21.49 -31.15
N SER A 210 23.22 21.48 -31.32
CA SER A 210 23.93 20.24 -30.97
C SER A 210 23.82 19.99 -29.48
N ARG A 211 23.74 21.02 -28.66
CA ARG A 211 23.61 20.81 -27.20
CA ARG A 211 23.62 20.79 -27.21
C ARG A 211 22.25 20.24 -26.84
N ALA A 212 21.23 20.69 -27.51
CA ALA A 212 19.83 20.20 -27.26
C ALA A 212 19.78 18.76 -27.67
N ILE A 213 20.37 18.42 -28.81
CA ILE A 213 20.39 17.03 -29.24
C ILE A 213 21.04 16.15 -28.20
N LYS A 214 22.21 16.57 -27.68
CA LYS A 214 22.95 15.76 -26.67
CA LYS A 214 22.95 15.78 -26.67
C LYS A 214 22.13 15.61 -25.43
N LEU A 215 21.40 16.66 -25.06
CA LEU A 215 20.67 16.68 -23.79
C LEU A 215 19.68 15.49 -23.75
N TYR A 216 19.10 15.21 -24.89
CA TYR A 216 17.90 14.31 -24.96
C TYR A 216 18.28 12.98 -25.53
N ARG A 217 19.57 12.78 -25.75
CA ARG A 217 20.15 11.50 -26.24
CA ARG A 217 20.10 11.50 -26.26
C ARG A 217 19.77 10.39 -25.28
N VAL A 218 19.41 9.24 -25.79
CA VAL A 218 19.20 8.12 -24.85
C VAL A 218 19.99 6.88 -25.26
N GLU A 219 20.30 6.07 -24.26
CA GLU A 219 21.07 4.86 -24.46
C GLU A 219 20.13 3.78 -24.95
N ASP A 220 20.53 3.13 -26.04
CA ASP A 220 19.65 2.17 -26.68
C ASP A 220 19.68 0.82 -25.94
N THR A 221 19.58 0.86 -24.59
CA THR A 221 19.62 -0.41 -23.81
C THR A 221 18.50 -0.32 -22.74
N LEU A 222 17.66 -1.34 -22.61
CA LEU A 222 16.62 -1.31 -21.61
C LEU A 222 17.24 -1.57 -20.23
N ASN A 223 16.63 -0.93 -19.24
CA ASN A 223 16.86 -1.23 -17.83
C ASN A 223 16.32 -2.60 -17.48
N ILE A 224 15.24 -2.99 -18.15
CA ILE A 224 14.65 -4.30 -17.85
C ILE A 224 14.85 -5.13 -19.14
N LYS A 225 15.88 -5.98 -19.17
CA LYS A 225 16.41 -6.50 -20.43
C LYS A 225 15.39 -7.33 -21.17
N ASN A 226 14.50 -7.99 -20.44
CA ASN A 226 13.44 -8.82 -21.09
C ASN A 226 12.07 -8.20 -21.45
N MET A 227 11.87 -6.90 -21.29
CA MET A 227 10.70 -6.20 -21.74
CA MET A 227 10.66 -6.24 -21.75
C MET A 227 10.43 -6.57 -23.22
N ARG A 228 9.25 -7.13 -23.51
CA ARG A 228 8.93 -7.60 -24.86
CA ARG A 228 8.94 -7.62 -24.86
C ARG A 228 7.48 -7.27 -25.15
N LEU A 229 7.11 -7.24 -26.46
CA LEU A 229 5.75 -6.99 -26.83
C LEU A 229 4.88 -8.05 -26.18
N MET A 230 3.75 -7.59 -25.69
CA MET A 230 2.73 -8.43 -25.08
C MET A 230 2.10 -9.33 -26.11
N LYS A 231 1.72 -10.53 -25.67
CA LYS A 231 1.21 -11.61 -26.55
C LYS A 231 0.01 -12.14 -25.84
N LYS A 232 -0.90 -12.78 -26.57
CA LYS A 232 -2.15 -13.33 -26.00
C LYS A 232 -1.96 -14.07 -24.68
N LYS A 233 -0.92 -14.88 -24.56
CA LYS A 233 -0.77 -15.62 -23.30
C LYS A 233 -0.67 -14.68 -22.07
N ASP A 234 -0.21 -13.44 -22.27
CA ASP A 234 0.01 -12.52 -21.13
C ASP A 234 -1.22 -11.84 -20.55
N VAL A 235 -2.36 -12.03 -21.20
CA VAL A 235 -3.56 -11.42 -20.72
C VAL A 235 -3.92 -11.61 -19.22
N GLU A 236 -3.87 -12.86 -18.68
CA GLU A 236 -4.21 -13.06 -17.27
CA GLU A 236 -4.20 -13.06 -17.27
C GLU A 236 -3.17 -12.35 -16.41
N GLY A 237 -1.90 -12.39 -16.82
CA GLY A 237 -0.82 -11.79 -16.05
C GLY A 237 -0.92 -10.27 -16.00
N VAL A 238 -1.38 -9.71 -17.10
CA VAL A 238 -1.56 -8.29 -17.17
C VAL A 238 -2.77 -7.88 -16.37
N HIS A 239 -3.88 -8.66 -16.42
CA HIS A 239 -5.14 -8.38 -15.66
C HIS A 239 -4.86 -8.37 -14.13
N LYS A 240 -4.05 -9.34 -13.66
CA LYS A 240 -3.61 -9.45 -12.27
C LYS A 240 -2.72 -8.25 -11.88
N LEU A 241 -1.59 -8.05 -12.60
CA LEU A 241 -0.65 -6.92 -12.32
C LEU A 241 -1.40 -5.54 -12.32
N LEU A 242 -2.05 -5.23 -13.43
CA LEU A 242 -2.76 -3.93 -13.52
C LEU A 242 -4.01 -3.73 -12.61
N GLY A 243 -4.86 -4.76 -12.52
CA GLY A 243 -6.08 -4.65 -11.76
C GLY A 243 -5.78 -4.36 -10.31
N SER A 244 -4.73 -4.98 -9.80
CA SER A 244 -4.40 -4.73 -8.41
CA SER A 244 -4.34 -4.76 -8.40
C SER A 244 -3.73 -3.37 -8.16
N TYR A 245 -2.76 -3.02 -8.98
CA TYR A 245 -2.16 -1.67 -8.94
C TYR A 245 -3.20 -0.52 -8.92
N LEU A 246 -4.18 -0.65 -9.80
CA LEU A 246 -5.16 0.37 -9.93
C LEU A 246 -6.06 0.61 -8.71
N GLU A 247 -6.23 -0.41 -7.84
CA GLU A 247 -7.11 -0.30 -6.66
CA GLU A 247 -7.18 -0.22 -6.75
C GLU A 247 -6.74 0.89 -5.75
N GLN A 248 -5.46 1.27 -5.77
CA GLN A 248 -4.94 2.35 -4.93
C GLN A 248 -5.48 3.74 -5.26
N PHE A 249 -5.94 3.94 -6.49
CA PHE A 249 -6.35 5.26 -6.94
C PHE A 249 -7.79 5.56 -6.67
N ASN A 250 -8.12 6.85 -6.79
CA ASN A 250 -9.44 7.32 -6.51
CA ASN A 250 -9.44 7.43 -6.50
C ASN A 250 -10.44 7.28 -7.66
N LEU A 251 -9.92 7.00 -8.84
CA LEU A 251 -10.73 6.99 -10.08
C LEU A 251 -9.98 6.09 -11.04
N TYR A 252 -10.63 4.99 -11.42
CA TYR A 252 -9.90 3.99 -12.28
C TYR A 252 -10.93 3.09 -12.92
N ALA A 253 -10.69 2.56 -14.12
CA ALA A 253 -11.72 1.66 -14.70
C ALA A 253 -11.52 0.29 -14.12
N VAL A 254 -12.58 -0.49 -13.91
CA VAL A 254 -12.37 -1.89 -13.47
C VAL A 254 -12.37 -2.80 -14.76
N PHE A 255 -11.23 -3.35 -15.16
CA PHE A 255 -11.06 -4.15 -16.38
C PHE A 255 -11.37 -5.62 -16.09
N THR A 256 -12.19 -6.23 -16.96
CA THR A 256 -12.30 -7.71 -17.08
C THR A 256 -11.14 -8.23 -17.92
N LYS A 257 -10.95 -9.55 -17.96
CA LYS A 257 -9.89 -10.12 -18.82
C LYS A 257 -10.17 -9.73 -20.31
N GLU A 258 -11.44 -9.73 -20.74
CA GLU A 258 -11.75 -9.41 -22.13
CA GLU A 258 -11.93 -9.37 -22.10
C GLU A 258 -11.39 -7.97 -22.46
N GLU A 259 -11.54 -7.04 -21.50
CA GLU A 259 -11.08 -5.66 -21.68
C GLU A 259 -9.53 -5.55 -21.74
N ILE A 260 -8.85 -6.26 -20.86
CA ILE A 260 -7.44 -6.25 -20.89
C ILE A 260 -6.91 -6.69 -22.27
N ALA A 261 -7.56 -7.70 -22.83
CA ALA A 261 -7.14 -8.13 -24.15
C ALA A 261 -7.38 -7.06 -25.19
N HIS A 262 -8.58 -6.45 -25.16
CA HIS A 262 -8.90 -5.41 -26.15
C HIS A 262 -7.90 -4.22 -25.99
N TRP A 263 -7.59 -3.84 -24.75
CA TRP A 263 -7.02 -2.51 -24.58
C TRP A 263 -5.54 -2.57 -24.64
N PHE A 264 -4.94 -3.75 -24.45
CA PHE A 264 -3.50 -3.85 -24.38
C PHE A 264 -2.81 -4.65 -25.48
N LEU A 265 -3.52 -5.65 -26.06
CA LEU A 265 -2.82 -6.45 -27.04
C LEU A 265 -2.24 -5.59 -28.21
N PRO A 266 -0.92 -5.70 -28.52
CA PRO A 266 -0.42 -4.67 -29.46
C PRO A 266 -1.17 -4.62 -30.80
N ILE A 267 -1.34 -3.40 -31.31
CA ILE A 267 -1.72 -3.15 -32.74
C ILE A 267 -0.83 -2.03 -33.22
N GLU A 268 -0.03 -2.35 -34.24
CA GLU A 268 0.91 -1.46 -34.88
C GLU A 268 0.25 -0.09 -35.17
N ASN A 269 0.93 1.01 -34.80
CA ASN A 269 0.38 2.37 -35.05
C ASN A 269 -0.87 2.70 -34.28
N VAL A 270 -1.22 1.88 -33.28
CA VAL A 270 -2.31 2.19 -32.40
C VAL A 270 -1.91 2.05 -30.93
N ILE A 271 -1.75 0.81 -30.50
CA ILE A 271 -1.46 0.52 -29.04
C ILE A 271 -0.20 -0.33 -28.93
N TYR A 272 0.71 0.08 -28.05
CA TYR A 272 1.94 -0.70 -27.80
C TYR A 272 2.04 -1.11 -26.33
N THR A 273 2.20 -2.42 -26.07
CA THR A 273 2.25 -2.95 -24.68
C THR A 273 3.43 -3.87 -24.55
N TYR A 274 4.29 -3.63 -23.54
CA TYR A 274 5.47 -4.50 -23.37
C TYR A 274 5.37 -5.01 -21.95
N VAL A 275 5.86 -6.22 -21.78
CA VAL A 275 5.76 -6.90 -20.47
C VAL A 275 7.07 -7.52 -20.10
N ASN A 276 7.29 -7.68 -18.79
CA ASN A 276 8.45 -8.42 -18.33
C ASN A 276 7.91 -9.65 -17.58
N GLU A 277 8.19 -10.80 -18.18
CA GLU A 277 7.77 -12.09 -17.61
C GLU A 277 8.92 -12.78 -16.83
N GLU A 278 8.69 -13.07 -15.55
CA GLU A 278 9.68 -13.75 -14.73
C GLU A 278 9.10 -15.10 -14.31
N ASN A 279 9.67 -16.14 -14.87
CA ASN A 279 9.19 -17.48 -14.75
C ASN A 279 7.67 -17.63 -14.88
N GLY A 280 7.16 -17.28 -16.02
CA GLY A 280 5.72 -17.40 -16.24
C GLY A 280 4.81 -16.31 -15.69
N LYS A 281 5.40 -15.41 -14.91
CA LYS A 281 4.73 -14.33 -14.16
C LYS A 281 4.97 -12.96 -14.82
N ILE A 282 3.91 -12.20 -15.03
CA ILE A 282 4.03 -10.79 -15.55
C ILE A 282 4.33 -9.86 -14.38
N LYS A 283 5.55 -9.35 -14.32
CA LYS A 283 5.98 -8.55 -13.17
C LYS A 283 6.01 -7.02 -13.44
N ASP A 284 6.08 -6.67 -14.73
CA ASP A 284 6.15 -5.27 -15.07
C ASP A 284 5.42 -5.07 -16.40
N MET A 285 4.94 -3.88 -16.63
CA MET A 285 4.29 -3.58 -17.94
C MET A 285 4.52 -2.11 -18.30
N ILE A 286 4.59 -1.85 -19.63
CA ILE A 286 4.68 -0.48 -20.13
C ILE A 286 3.59 -0.45 -21.22
N SER A 287 2.83 0.65 -21.32
CA SER A 287 1.91 0.78 -22.50
C SER A 287 1.91 2.22 -22.94
N PHE A 288 1.73 2.44 -24.25
CA PHE A 288 1.49 3.78 -24.77
C PHE A 288 0.66 3.65 -26.06
N TYR A 289 -0.17 4.64 -26.33
CA TYR A 289 -0.95 4.64 -27.63
C TYR A 289 -0.34 5.68 -28.60
N SER A 290 -0.61 5.50 -29.88
CA SER A 290 -0.06 6.36 -30.92
C SER A 290 -1.14 7.37 -31.28
N LEU A 291 -0.79 8.66 -31.16
CA LEU A 291 -1.78 9.70 -31.48
C LEU A 291 -1.06 10.81 -32.20
N PRO A 292 -1.01 10.74 -33.55
CA PRO A 292 -0.22 11.74 -34.27
C PRO A 292 -1.02 13.06 -34.25
N SER A 293 -0.28 14.14 -34.38
CA SER A 293 -0.87 15.43 -34.71
C SER A 293 -0.53 15.90 -36.16
N GLN A 294 -1.54 16.37 -36.86
CA GLN A 294 -1.33 17.11 -38.07
C GLN A 294 -0.63 18.44 -37.71
N ILE A 295 0.48 18.72 -38.43
CA ILE A 295 1.15 20.02 -38.30
C ILE A 295 0.57 20.97 -39.33
N LEU A 296 -0.05 22.04 -38.85
CA LEU A 296 -0.65 23.01 -39.78
C LEU A 296 0.41 24.03 -40.34
N GLY A 297 0.52 24.11 -41.66
CA GLY A 297 1.31 25.17 -42.32
C GLY A 297 2.81 25.18 -42.06
N ASN A 298 3.40 24.00 -41.96
CA ASN A 298 4.86 23.89 -41.89
C ASN A 298 5.38 23.34 -43.23
N ASP A 299 6.29 24.06 -43.86
CA ASP A 299 6.73 23.64 -45.17
C ASP A 299 7.29 22.19 -45.19
N LYS A 300 8.01 21.78 -44.14
CA LYS A 300 8.81 20.55 -44.22
C LYS A 300 8.11 19.31 -43.73
N TYR A 301 7.41 19.40 -42.59
CA TYR A 301 6.73 18.28 -41.97
C TYR A 301 5.22 18.42 -41.92
N SER A 302 4.55 17.28 -42.14
CA SER A 302 3.08 17.24 -42.12
C SER A 302 2.53 16.62 -40.82
N THR A 303 3.34 15.72 -40.20
CA THR A 303 2.83 14.89 -39.10
C THR A 303 3.78 14.91 -37.97
N LEU A 304 3.27 15.00 -36.76
CA LEU A 304 4.05 14.85 -35.52
C LEU A 304 3.70 13.44 -35.01
N ASN A 305 4.70 12.55 -34.93
CA ASN A 305 4.48 11.16 -34.46
C ASN A 305 4.66 11.12 -32.93
N ALA A 306 3.61 10.80 -32.19
CA ALA A 306 3.67 11.02 -30.73
C ALA A 306 3.09 9.85 -29.98
N ALA A 307 3.83 9.42 -28.94
CA ALA A 307 3.42 8.30 -28.06
C ALA A 307 2.86 8.91 -26.79
N TYR A 308 1.77 8.32 -26.31
CA TYR A 308 1.01 8.81 -25.18
C TYR A 308 0.97 7.77 -24.09
N SER A 309 1.61 8.08 -22.96
CA SER A 309 1.68 7.14 -21.83
C SER A 309 0.29 6.76 -21.44
N PHE A 310 0.11 5.44 -21.30
CA PHE A 310 -1.19 4.85 -21.02
C PHE A 310 -1.11 4.28 -19.57
N TYR A 311 -0.78 2.99 -19.46
CA TYR A 311 -0.60 2.38 -18.16
C TYR A 311 0.75 1.67 -17.98
N ASN A 312 1.43 2.02 -16.86
CA ASN A 312 2.72 1.58 -16.58
C ASN A 312 2.84 1.08 -15.12
N VAL A 313 3.31 -0.17 -14.96
CA VAL A 313 3.42 -0.74 -13.60
C VAL A 313 4.80 -1.45 -13.49
N THR A 314 5.50 -1.22 -12.38
CA THR A 314 6.76 -1.99 -12.16
C THR A 314 6.80 -2.58 -10.73
N THR A 315 7.30 -3.81 -10.64
CA THR A 315 7.59 -4.45 -9.35
C THR A 315 9.04 -4.95 -9.23
N THR A 316 9.85 -4.84 -10.29
CA THR A 316 11.19 -5.33 -10.30
C THR A 316 12.21 -4.21 -10.53
N ALA A 317 11.72 -3.00 -10.82
CA ALA A 317 12.56 -1.81 -11.07
C ALA A 317 11.98 -0.63 -10.30
N THR A 318 12.66 0.54 -10.42
CA THR A 318 12.07 1.78 -9.93
C THR A 318 11.10 2.35 -11.00
N PHE A 319 10.14 3.14 -10.56
CA PHE A 319 9.24 3.73 -11.55
C PHE A 319 10.04 4.54 -12.58
N LYS A 320 11.13 5.17 -12.12
CA LYS A 320 11.98 5.98 -13.00
C LYS A 320 12.66 5.11 -14.08
N GLN A 321 13.21 3.95 -13.69
CA GLN A 321 13.84 3.02 -14.63
CA GLN A 321 13.79 2.96 -14.60
C GLN A 321 12.80 2.46 -15.65
N LEU A 322 11.55 2.23 -15.19
CA LEU A 322 10.42 1.74 -16.04
C LEU A 322 10.07 2.81 -17.11
N MET A 323 9.86 4.03 -16.65
CA MET A 323 9.50 5.11 -17.57
C MET A 323 10.62 5.48 -18.52
N GLN A 324 11.86 5.36 -18.07
CA GLN A 324 12.99 5.47 -18.99
C GLN A 324 12.92 4.44 -20.13
N ASP A 325 12.58 3.20 -19.77
CA ASP A 325 12.36 2.18 -20.73
C ASP A 325 11.18 2.52 -21.63
N ALA A 326 10.08 3.04 -21.07
CA ALA A 326 8.95 3.53 -21.88
C ALA A 326 9.48 4.49 -23.00
N ILE A 327 10.34 5.42 -22.60
CA ILE A 327 10.83 6.44 -23.57
C ILE A 327 11.67 5.74 -24.63
N LEU A 328 12.48 4.79 -24.22
CA LEU A 328 13.35 4.10 -25.16
C LEU A 328 12.52 3.25 -26.17
N LEU A 329 11.52 2.52 -25.68
CA LEU A 329 10.60 1.80 -26.58
C LEU A 329 9.79 2.70 -27.53
N ALA A 330 9.36 3.84 -27.04
CA ALA A 330 8.80 4.85 -27.96
C ALA A 330 9.82 5.26 -29.02
N LYS A 331 11.07 5.48 -28.66
CA LYS A 331 12.07 5.90 -29.61
C LYS A 331 12.34 4.81 -30.65
N ARG A 332 12.27 3.57 -30.20
CA ARG A 332 12.49 2.49 -31.10
C ARG A 332 11.37 2.32 -32.13
N ASN A 333 10.19 2.79 -31.78
CA ASN A 333 9.03 2.72 -32.66
C ASN A 333 8.77 4.03 -33.47
N ASN A 334 9.84 4.83 -33.57
CA ASN A 334 9.90 6.04 -34.42
CA ASN A 334 9.85 5.99 -34.49
C ASN A 334 8.98 7.17 -34.00
N PHE A 335 8.71 7.24 -32.73
CA PHE A 335 7.96 8.39 -32.19
C PHE A 335 8.92 9.56 -31.95
N ASP A 336 8.38 10.74 -32.16
CA ASP A 336 9.19 11.96 -32.09
C ASP A 336 9.18 12.48 -30.64
N VAL A 337 8.15 12.14 -29.86
CA VAL A 337 7.97 12.71 -28.55
C VAL A 337 7.14 11.71 -27.74
N PHE A 338 7.38 11.69 -26.43
CA PHE A 338 6.60 10.88 -25.51
C PHE A 338 5.84 11.78 -24.54
N ASN A 339 4.49 11.68 -24.47
CA ASN A 339 3.68 12.59 -23.71
C ASN A 339 3.14 11.87 -22.51
N ALA A 340 3.11 12.54 -21.36
CA ALA A 340 2.45 11.96 -20.19
C ALA A 340 1.59 12.94 -19.39
N LEU A 341 0.55 12.46 -18.72
CA LEU A 341 -0.16 13.34 -17.81
C LEU A 341 0.41 13.16 -16.41
N GLU A 342 0.16 14.14 -15.54
CA GLU A 342 0.59 14.06 -14.12
C GLU A 342 -0.44 13.28 -13.26
N VAL A 343 -0.79 12.09 -13.77
CA VAL A 343 -1.60 11.13 -13.06
C VAL A 343 -0.77 9.98 -12.54
N MET A 344 -1.40 9.22 -11.64
CA MET A 344 -0.77 8.08 -11.05
C MET A 344 0.60 8.53 -10.46
N GLN A 345 1.67 7.82 -10.74
CA GLN A 345 2.99 8.13 -10.17
C GLN A 345 3.80 8.96 -11.14
N ASN A 346 3.19 9.52 -12.20
CA ASN A 346 4.06 10.03 -13.29
C ASN A 346 4.85 11.26 -12.94
N LYS A 347 4.26 12.17 -12.18
CA LYS A 347 4.93 13.47 -11.93
C LYS A 347 6.30 13.32 -11.28
N SER A 348 6.40 12.27 -10.47
CA SER A 348 7.62 11.97 -9.72
C SER A 348 8.81 11.71 -10.63
N VAL A 349 8.60 11.39 -11.91
CA VAL A 349 9.78 11.12 -12.75
C VAL A 349 10.08 12.21 -13.81
N PHE A 350 9.22 13.21 -13.93
CA PHE A 350 9.31 14.21 -15.03
C PHE A 350 10.59 14.98 -14.99
N GLU A 351 10.96 15.47 -13.80
CA GLU A 351 12.24 16.22 -13.71
C GLU A 351 13.46 15.41 -14.17
N ASP A 352 13.65 14.23 -13.55
CA ASP A 352 14.82 13.45 -13.84
C ASP A 352 14.91 12.91 -15.27
N LEU A 353 13.78 12.47 -15.81
CA LEU A 353 13.71 12.01 -17.21
C LEU A 353 13.50 13.21 -18.23
N LYS A 354 13.83 14.44 -17.82
CA LYS A 354 13.82 15.55 -18.75
C LYS A 354 12.49 15.82 -19.47
N PHE A 355 11.33 15.64 -18.80
CA PHE A 355 10.08 16.06 -19.43
C PHE A 355 9.99 17.57 -19.29
N GLY A 356 9.36 18.24 -20.26
CA GLY A 356 9.00 19.65 -20.10
C GLY A 356 7.54 19.85 -19.85
N GLU A 357 7.14 20.85 -19.04
CA GLU A 357 5.76 21.12 -18.78
C GLU A 357 5.17 21.64 -20.06
N GLY A 358 3.96 21.16 -20.39
CA GLY A 358 3.23 21.64 -21.53
C GLY A 358 2.56 22.96 -21.26
N ASP A 359 1.60 23.24 -22.15
CA ASP A 359 0.76 24.41 -22.24
C ASP A 359 -0.53 24.50 -21.48
N GLY A 360 -1.03 23.38 -21.02
CA GLY A 360 -2.40 23.32 -20.54
C GLY A 360 -2.60 22.01 -19.85
N SER A 361 -3.87 21.69 -19.71
CA SER A 361 -4.19 20.61 -18.80
C SER A 361 -5.40 19.89 -19.31
N LEU A 362 -5.55 18.63 -18.88
CA LEU A 362 -6.76 17.81 -19.21
C LEU A 362 -7.66 17.70 -17.97
N LYS A 363 -8.92 18.18 -18.05
CA LYS A 363 -9.88 18.15 -16.93
C LYS A 363 -10.67 16.81 -17.01
N TYR A 364 -10.83 16.16 -15.88
CA TYR A 364 -11.62 14.91 -15.78
C TYR A 364 -12.97 15.29 -15.24
N TYR A 365 -14.08 14.81 -15.84
CA TYR A 365 -15.41 15.10 -15.39
C TYR A 365 -16.17 13.78 -15.23
N LEU A 366 -17.13 13.80 -14.35
CA LEU A 366 -18.18 12.82 -14.28
C LEU A 366 -19.51 13.52 -14.51
N TYR A 367 -20.43 12.80 -15.13
CA TYR A 367 -21.79 13.27 -15.30
C TYR A 367 -22.75 12.62 -14.31
N ASN A 368 -23.65 13.39 -13.66
CA ASN A 368 -24.53 12.87 -12.64
C ASN A 368 -23.87 12.13 -11.46
N TRP A 369 -22.82 12.72 -10.92
CA TRP A 369 -22.11 12.15 -9.78
C TRP A 369 -21.46 13.27 -8.99
N LYS A 370 -21.85 13.32 -7.72
CA LYS A 370 -21.36 14.27 -6.72
C LYS A 370 -20.25 13.60 -5.86
N CYS A 371 -19.10 14.25 -5.70
CA CYS A 371 -18.02 13.69 -4.91
C CYS A 371 -17.02 14.78 -4.64
N ALA A 372 -16.05 14.47 -3.77
CA ALA A 372 -14.87 15.30 -3.58
C ALA A 372 -13.90 15.22 -4.77
N SER A 373 -13.39 16.39 -5.15
CA SER A 373 -12.31 16.48 -6.12
C SER A 373 -10.97 16.06 -5.50
N PHE A 374 -9.98 15.84 -6.33
CA PHE A 374 -8.72 15.36 -5.84
C PHE A 374 -7.60 15.72 -6.77
N ALA A 375 -6.41 15.76 -6.19
CA ALA A 375 -5.23 15.96 -7.00
C ALA A 375 -5.02 14.83 -8.04
N PRO A 376 -4.36 15.15 -9.18
CA PRO A 376 -4.20 14.17 -10.29
C PRO A 376 -3.38 12.91 -10.00
N ALA A 377 -2.49 12.97 -9.00
CA ALA A 377 -1.82 11.78 -8.54
C ALA A 377 -2.78 10.65 -8.17
N HIS A 378 -3.97 11.00 -7.75
CA HIS A 378 -4.96 10.01 -7.32
C HIS A 378 -5.87 9.51 -8.49
N VAL A 379 -5.81 10.16 -9.65
CA VAL A 379 -6.46 9.73 -10.90
C VAL A 379 -5.65 8.54 -11.46
N GLY A 380 -6.35 7.42 -11.68
CA GLY A 380 -5.74 6.22 -12.20
C GLY A 380 -6.40 5.69 -13.47
N ILE A 381 -6.76 6.62 -14.34
CA ILE A 381 -7.44 6.29 -15.62
C ILE A 381 -6.95 7.30 -16.59
N VAL A 382 -6.48 6.77 -17.74
CA VAL A 382 -6.17 7.57 -18.94
C VAL A 382 -7.13 7.23 -20.08
N LEU A 383 -7.84 8.25 -20.51
CA LEU A 383 -8.71 8.14 -21.69
C LEU A 383 -7.95 8.33 -22.99
N LEU A 384 -8.64 8.10 -24.09
CA LEU A 384 -8.04 8.18 -25.43
C LEU A 384 -8.26 9.53 -26.08
N ASP B 1 31.85 16.42 -2.95
CA ASP B 1 32.02 14.93 -2.92
C ASP B 1 31.93 14.25 -1.53
N TYR B 2 31.43 14.96 -0.53
CA TYR B 2 30.91 14.31 0.66
C TYR B 2 31.87 13.34 1.31
N LYS B 3 33.09 13.84 1.58
CA LYS B 3 34.11 13.05 2.22
C LYS B 3 33.68 12.54 3.60
N PHE B 4 32.86 13.29 4.34
CA PHE B 4 32.39 12.71 5.60
C PHE B 4 31.17 11.81 5.38
N TRP B 5 30.22 12.28 4.59
CA TRP B 5 28.96 11.53 4.45
C TRP B 5 29.25 10.19 3.76
N TYR B 6 30.28 10.10 2.93
CA TYR B 6 30.42 8.83 2.26
CA TYR B 6 30.67 8.87 2.20
C TYR B 6 31.02 7.70 3.15
N THR B 7 31.50 8.04 4.34
CA THR B 7 31.94 7.11 5.37
C THR B 7 30.78 6.60 6.21
N GLN B 8 29.61 7.21 6.00
CA GLN B 8 28.42 6.92 6.83
C GLN B 8 27.50 5.92 6.12
N PRO B 9 26.61 5.23 6.92
CA PRO B 9 25.67 4.29 6.32
C PRO B 9 24.48 5.05 5.78
N VAL B 10 24.67 5.75 4.65
CA VAL B 10 23.61 6.43 3.92
C VAL B 10 23.82 6.17 2.43
N PRO B 11 22.81 6.48 1.60
CA PRO B 11 22.98 6.16 0.19
C PRO B 11 24.03 7.04 -0.48
N LYS B 12 24.74 6.49 -1.47
CA LYS B 12 25.56 7.35 -2.31
C LYS B 12 24.62 8.24 -3.16
N ILE B 13 25.11 9.38 -3.61
CA ILE B 13 24.27 10.31 -4.37
C ILE B 13 23.53 9.65 -5.56
N ASN B 14 24.14 8.61 -6.14
CA ASN B 14 23.53 7.92 -7.29
C ASN B 14 22.68 6.66 -6.97
N ASP B 15 22.56 6.31 -5.71
CA ASP B 15 21.78 5.14 -5.29
C ASP B 15 20.30 5.32 -5.49
N GLU B 16 19.71 4.31 -6.10
CA GLU B 16 18.27 4.29 -6.22
CA GLU B 16 18.26 4.27 -6.41
C GLU B 16 17.82 2.87 -5.97
N PHE B 17 16.81 2.79 -5.12
CA PHE B 17 16.33 1.47 -4.65
C PHE B 17 14.90 1.28 -5.06
N ASN B 18 14.53 0.03 -5.37
CA ASN B 18 13.18 -0.42 -5.65
CA ASN B 18 13.13 -0.13 -5.66
C ASN B 18 12.26 -0.36 -4.42
N GLU B 19 10.97 -0.33 -4.64
CA GLU B 19 10.06 -0.20 -3.57
C GLU B 19 10.08 -1.38 -2.65
N SER B 20 10.60 -2.52 -3.11
CA SER B 20 10.67 -3.68 -2.27
C SER B 20 11.83 -3.62 -1.24
N VAL B 21 12.79 -2.69 -1.44
CA VAL B 21 13.97 -2.54 -0.57
C VAL B 21 13.59 -1.66 0.59
N ASN B 22 13.75 -2.18 1.82
CA ASN B 22 13.31 -1.44 3.01
C ASN B 22 13.98 -2.01 4.23
N GLU B 23 15.19 -1.59 4.47
CA GLU B 23 16.05 -2.30 5.44
C GLU B 23 17.29 -1.47 5.81
N PRO B 24 18.02 -1.82 6.87
CA PRO B 24 19.23 -1.04 7.15
C PRO B 24 20.31 -1.22 6.14
N PHE B 25 21.19 -0.22 6.06
CA PHE B 25 22.50 -0.46 5.52
C PHE B 25 23.37 -1.46 6.31
N ILE B 26 23.44 -1.28 7.61
CA ILE B 26 24.15 -2.12 8.52
C ILE B 26 23.16 -2.67 9.57
N SER B 27 23.06 -3.99 9.62
CA SER B 27 22.24 -4.73 10.55
C SER B 27 23.09 -5.47 11.57
N ASP B 28 22.41 -6.16 12.48
CA ASP B 28 23.09 -6.95 13.50
C ASP B 28 24.10 -6.10 14.31
N ASN B 29 23.72 -4.86 14.62
CA ASN B 29 24.56 -3.98 15.46
C ASN B 29 24.59 -4.41 16.96
N LYS B 30 25.68 -4.14 17.65
CA LYS B 30 25.86 -4.58 19.03
C LYS B 30 26.24 -3.44 19.97
N VAL B 31 25.38 -3.16 20.98
CA VAL B 31 25.68 -2.08 21.95
C VAL B 31 27.07 -2.28 22.64
N GLU B 32 27.39 -3.53 22.84
CA GLU B 32 28.63 -3.91 23.53
C GLU B 32 29.87 -3.43 22.80
N ASP B 33 29.75 -3.35 21.47
CA ASP B 33 30.82 -2.92 20.59
C ASP B 33 30.92 -1.39 20.38
N VAL B 34 29.91 -0.61 20.85
CA VAL B 34 29.88 0.84 20.57
C VAL B 34 31.05 1.49 21.32
N ARG B 35 31.69 2.49 20.71
CA ARG B 35 32.76 3.21 21.40
C ARG B 35 32.26 3.81 22.70
N LYS B 36 32.98 3.60 23.79
CA LYS B 36 32.60 4.16 25.10
C LYS B 36 33.29 5.48 25.39
N ASP B 37 34.27 5.87 24.57
CA ASP B 37 35.03 7.16 24.65
C ASP B 37 34.38 8.27 23.83
N GLU B 38 34.15 9.45 24.43
CA GLU B 38 33.71 10.62 23.66
C GLU B 38 34.64 10.92 22.53
N TYR B 39 34.07 11.36 21.42
CA TYR B 39 34.90 11.79 20.30
C TYR B 39 35.77 12.98 20.71
N LYS B 40 36.96 13.06 20.13
CA LYS B 40 37.93 14.12 20.42
C LYS B 40 37.57 15.44 19.75
N LEU B 41 37.65 16.55 20.52
CA LEU B 41 37.41 17.84 19.99
C LEU B 41 38.78 18.54 19.83
N PRO B 42 38.79 19.69 19.14
CA PRO B 42 40.07 20.42 19.05
C PRO B 42 40.49 20.97 20.39
N PRO B 43 41.81 21.20 20.56
CA PRO B 43 42.28 21.90 21.79
C PRO B 43 41.41 23.09 22.22
N GLY B 44 41.07 23.09 23.47
CA GLY B 44 40.37 24.22 24.07
C GLY B 44 38.86 24.12 23.97
N TYR B 45 38.33 23.03 23.40
CA TYR B 45 36.89 22.77 23.35
C TYR B 45 36.54 21.55 24.18
N SER B 46 35.38 21.59 24.83
CA SER B 46 34.85 20.46 25.61
CA SER B 46 34.87 20.45 25.58
C SER B 46 33.38 20.18 25.35
N TRP B 47 33.02 18.90 25.45
CA TRP B 47 31.64 18.47 25.52
C TRP B 47 31.01 19.04 26.76
N TYR B 48 29.77 19.50 26.61
CA TYR B 48 29.04 19.97 27.77
C TYR B 48 27.75 19.18 27.83
N VAL B 49 27.40 18.75 29.04
CA VAL B 49 26.08 18.15 29.23
C VAL B 49 25.00 19.24 29.39
N CYS B 50 24.17 19.53 28.35
CA CYS B 50 23.14 20.55 28.51
C CYS B 50 21.91 19.97 29.22
N ASP B 51 21.54 20.59 30.33
CA ASP B 51 20.27 20.30 31.00
C ASP B 51 19.18 21.22 30.53
N VAL B 52 18.37 20.74 29.59
CA VAL B 52 17.39 21.64 28.98
C VAL B 52 16.33 22.20 29.95
N LYS B 53 16.08 21.50 31.05
CA LYS B 53 15.13 21.96 32.09
C LYS B 53 15.70 23.08 32.97
N ASP B 54 17.02 23.26 32.89
CA ASP B 54 17.72 24.28 33.63
C ASP B 54 17.71 25.57 32.86
N GLU B 55 17.12 26.60 33.48
CA GLU B 55 17.06 27.91 32.92
C GLU B 55 18.41 28.39 32.35
N LYS B 56 19.51 28.32 33.11
CA LYS B 56 20.81 28.79 32.62
C LYS B 56 21.23 28.10 31.30
N ASP B 57 21.23 26.74 31.31
CA ASP B 57 21.65 25.97 30.18
C ASP B 57 20.72 26.25 29.02
N ARG B 58 19.42 26.33 29.30
CA ARG B 58 18.51 26.53 28.19
C ARG B 58 18.72 27.91 27.55
N SER B 59 19.08 28.91 28.39
CA SER B 59 19.32 30.24 27.86
C SER B 59 20.58 30.28 27.00
N GLU B 60 21.56 29.44 27.33
CA GLU B 60 22.75 29.35 26.49
C GLU B 60 22.46 28.73 25.17
N ILE B 61 21.60 27.71 25.13
CA ILE B 61 21.18 27.16 23.83
C ILE B 61 20.39 28.18 23.02
N TYR B 62 19.52 28.87 23.73
CA TYR B 62 18.77 29.90 23.09
C TYR B 62 19.67 30.97 22.41
N THR B 63 20.73 31.44 23.10
CA THR B 63 21.57 32.50 22.58
C THR B 63 22.36 31.93 21.40
N LEU B 64 22.82 30.66 21.51
CA LEU B 64 23.59 30.09 20.38
C LEU B 64 22.74 30.10 19.10
N LEU B 65 21.57 29.49 19.24
CA LEU B 65 20.69 29.41 18.05
C LEU B 65 20.19 30.74 17.52
N THR B 66 19.78 31.64 18.44
CA THR B 66 19.35 32.99 18.00
C THR B 66 20.43 33.68 17.13
N ASP B 67 21.69 33.56 17.51
CA ASP B 67 22.74 34.21 16.71
C ASP B 67 23.33 33.42 15.55
N ASN B 68 23.16 32.08 15.53
CA ASN B 68 23.94 31.27 14.58
C ASN B 68 23.16 30.17 13.83
N TYR B 69 21.84 30.11 14.08
CA TYR B 69 21.07 29.03 13.43
C TYR B 69 20.73 29.36 11.99
N VAL B 70 19.74 28.64 11.44
CA VAL B 70 19.48 28.64 10.02
C VAL B 70 18.93 30.00 9.52
N GLU B 71 19.49 30.50 8.41
CA GLU B 71 18.99 31.68 7.67
C GLU B 71 18.35 31.28 6.37
N ASP B 72 17.45 32.11 5.88
CA ASP B 72 16.91 31.83 4.56
C ASP B 72 17.97 32.00 3.50
N ASP B 73 17.69 31.52 2.29
CA ASP B 73 18.64 31.62 1.17
C ASP B 73 19.11 33.05 0.96
N ASP B 74 18.24 34.02 1.18
CA ASP B 74 18.59 35.43 0.92
C ASP B 74 19.24 36.14 2.08
N ASN B 75 19.53 35.38 3.16
CA ASN B 75 20.12 35.89 4.41
C ASN B 75 19.45 37.16 5.01
N ILE B 76 18.11 37.24 4.85
CA ILE B 76 17.29 38.32 5.43
C ILE B 76 16.70 37.90 6.80
N PHE B 77 16.50 36.58 6.98
CA PHE B 77 15.75 36.07 8.18
C PHE B 77 16.58 35.00 8.83
N ARG B 78 16.55 34.92 10.16
CA ARG B 78 17.15 33.75 10.87
C ARG B 78 16.13 33.13 11.80
N PHE B 79 16.01 31.82 11.83
CA PHE B 79 15.05 31.24 12.76
C PHE B 79 15.41 31.68 14.19
N ASN B 80 14.34 31.93 15.02
CA ASN B 80 14.47 32.43 16.40
C ASN B 80 13.52 31.62 17.29
N TYR B 81 13.81 30.30 17.40
CA TYR B 81 13.11 29.41 18.28
C TYR B 81 13.13 29.99 19.69
N SER B 82 12.01 29.99 20.37
CA SER B 82 12.01 30.55 21.76
C SER B 82 12.53 29.55 22.76
N ALA B 83 13.00 30.00 23.93
CA ALA B 83 13.50 29.09 24.93
C ALA B 83 12.37 28.06 25.36
N GLU B 84 11.12 28.53 25.37
CA GLU B 84 9.91 27.70 25.71
C GLU B 84 9.68 26.63 24.62
N PHE B 85 9.94 27.00 23.39
CA PHE B 85 9.84 26.02 22.27
C PHE B 85 10.91 24.96 22.42
N LEU B 86 12.13 25.38 22.70
CA LEU B 86 13.24 24.45 22.87
C LEU B 86 12.98 23.41 23.98
N LEU B 87 12.46 23.87 25.10
CA LEU B 87 12.07 22.99 26.19
C LEU B 87 11.06 21.95 25.70
N TRP B 88 10.02 22.41 24.98
CA TRP B 88 9.01 21.50 24.47
C TRP B 88 9.58 20.49 23.45
N ALA B 89 10.44 21.01 22.57
CA ALA B 89 10.92 20.19 21.46
C ALA B 89 11.79 19.12 21.97
N LEU B 90 12.49 19.36 23.09
CA LEU B 90 13.59 18.49 23.55
C LEU B 90 13.23 17.56 24.72
N THR B 91 12.05 17.75 25.35
CA THR B 91 11.75 16.97 26.58
C THR B 91 10.51 16.12 26.38
N SER B 92 10.33 15.61 25.15
CA SER B 92 9.21 14.72 24.79
C SER B 92 9.36 13.39 25.56
N PRO B 93 8.34 12.51 25.51
CA PRO B 93 8.35 11.38 26.41
C PRO B 93 9.55 10.47 26.22
N ASN B 94 10.18 10.09 27.34
CA ASN B 94 11.30 9.19 27.38
C ASN B 94 12.53 9.77 26.74
N TYR B 95 12.63 11.09 26.74
CA TYR B 95 13.82 11.74 26.18
C TYR B 95 15.05 11.39 27.00
N LEU B 96 16.21 11.51 26.35
CA LEU B 96 17.49 11.22 26.97
C LEU B 96 18.26 12.53 27.12
N LYS B 97 18.64 12.83 28.37
CA LYS B 97 19.52 13.96 28.70
C LYS B 97 20.85 13.86 27.95
N THR B 98 21.34 12.62 27.74
CA THR B 98 22.67 12.33 27.08
C THR B 98 22.64 12.79 25.62
N TRP B 99 21.42 12.95 25.07
CA TRP B 99 21.30 13.32 23.64
C TRP B 99 21.09 14.82 23.45
N HIS B 100 21.31 15.65 24.50
CA HIS B 100 21.29 17.09 24.33
C HIS B 100 22.73 17.54 24.54
N ILE B 101 23.48 17.75 23.44
CA ILE B 101 24.92 17.85 23.50
C ILE B 101 25.40 19.25 23.15
N GLY B 102 26.11 19.87 24.09
CA GLY B 102 26.84 21.10 23.74
C GLY B 102 28.32 20.97 23.62
N VAL B 103 28.90 22.01 23.02
CA VAL B 103 30.39 22.15 22.95
C VAL B 103 30.73 23.54 23.43
N LYS B 104 31.63 23.65 24.40
CA LYS B 104 31.96 25.00 24.90
C LYS B 104 33.44 25.29 24.56
N TYR B 105 33.78 26.57 24.46
CA TYR B 105 35.15 27.01 24.34
C TYR B 105 35.52 27.30 25.79
N ASP B 106 36.33 26.40 26.37
CA ASP B 106 36.80 26.45 27.76
C ASP B 106 37.22 27.83 28.22
N ALA B 107 38.00 28.57 27.42
CA ALA B 107 38.62 29.79 27.94
C ALA B 107 37.53 30.78 28.36
N SER B 108 36.53 30.93 27.49
CA SER B 108 35.44 31.88 27.69
C SER B 108 34.22 31.25 28.30
N ASN B 109 34.21 29.92 28.44
CA ASN B 109 33.08 29.22 29.06
C ASN B 109 31.73 29.42 28.32
N LYS B 110 31.82 29.71 27.01
CA LYS B 110 30.65 29.99 26.15
C LYS B 110 30.24 28.79 25.26
N LEU B 111 28.94 28.64 25.03
CA LEU B 111 28.41 27.59 24.15
C LEU B 111 28.68 27.92 22.67
N ILE B 112 29.39 27.06 21.94
CA ILE B 112 29.71 27.32 20.53
C ILE B 112 29.22 26.26 19.54
N GLY B 113 28.65 25.18 20.12
CA GLY B 113 28.05 24.14 19.23
C GLY B 113 26.99 23.40 20.01
N PHE B 114 26.06 22.83 19.23
CA PHE B 114 24.91 22.09 19.82
C PHE B 114 24.42 21.11 18.78
N ILE B 115 23.91 20.00 19.27
CA ILE B 115 23.15 19.05 18.48
C ILE B 115 22.26 18.29 19.46
N SER B 116 21.07 17.91 18.98
CA SER B 116 20.12 17.21 19.85
C SER B 116 19.43 16.09 19.12
N ALA B 117 18.94 15.13 19.91
CA ALA B 117 17.97 14.11 19.36
C ALA B 117 16.92 13.76 20.36
N ILE B 118 15.78 13.33 19.86
CA ILE B 118 14.75 12.74 20.75
C ILE B 118 14.37 11.38 20.19
N PRO B 119 13.89 10.45 21.03
CA PRO B 119 13.43 9.15 20.52
C PRO B 119 11.99 9.15 19.98
N THR B 120 11.76 8.51 18.83
CA THR B 120 10.40 8.33 18.28
CA THR B 120 10.38 8.24 18.39
C THR B 120 10.33 7.04 17.47
N ASP B 121 9.12 6.47 17.40
CA ASP B 121 8.83 5.42 16.46
C ASP B 121 8.50 5.96 15.14
N ILE B 122 9.26 5.49 14.14
CA ILE B 122 9.07 5.93 12.77
C ILE B 122 8.67 4.73 11.89
N CYS B 123 7.52 4.88 11.23
CA CYS B 123 7.05 3.94 10.24
C CYS B 123 7.51 4.38 8.84
N ILE B 124 8.40 3.59 8.22
CA ILE B 124 8.91 3.85 6.87
C ILE B 124 8.47 2.66 5.98
N HIS B 125 7.61 2.96 5.01
CA HIS B 125 7.09 1.93 4.06
CA HIS B 125 7.19 1.93 4.05
C HIS B 125 6.62 0.71 4.86
N LYS B 126 5.79 1.02 5.85
CA LYS B 126 5.08 0.06 6.66
C LYS B 126 5.89 -0.76 7.68
N ARG B 127 7.19 -0.46 7.87
CA ARG B 127 7.97 -1.03 8.93
C ARG B 127 8.20 0.01 10.00
N THR B 128 7.93 -0.35 11.25
CA THR B 128 8.11 0.57 12.40
C THR B 128 9.44 0.30 13.07
N ILE B 129 10.23 1.37 13.16
CA ILE B 129 11.59 1.26 13.69
C ILE B 129 11.78 2.33 14.74
N LYS B 130 12.50 1.99 15.81
CA LYS B 130 12.73 2.97 16.87
CA LYS B 130 12.71 2.97 16.86
C LYS B 130 13.84 3.86 16.34
N MET B 131 13.62 5.18 16.27
CA MET B 131 14.62 6.05 15.71
C MET B 131 14.97 7.21 16.61
N ALA B 132 16.11 7.87 16.34
CA ALA B 132 16.32 9.20 16.95
C ALA B 132 15.94 10.26 15.95
N GLU B 133 15.29 11.36 16.39
CA GLU B 133 14.98 12.47 15.52
C GLU B 133 15.96 13.55 15.88
N VAL B 134 16.83 13.94 14.95
CA VAL B 134 17.95 14.84 15.22
C VAL B 134 17.58 16.21 14.77
N ASN B 135 17.95 17.19 15.59
CA ASN B 135 17.62 18.58 15.24
C ASN B 135 18.56 19.53 15.97
N PHE B 136 18.52 20.80 15.53
CA PHE B 136 19.21 21.92 16.23
C PHE B 136 20.72 21.77 16.12
N LEU B 137 21.20 21.10 15.06
CA LEU B 137 22.68 21.12 14.83
C LEU B 137 23.15 22.55 14.54
N CYS B 138 24.11 23.08 15.27
CA CYS B 138 24.54 24.47 15.13
C CYS B 138 26.00 24.63 15.60
N VAL B 139 26.80 25.26 14.72
CA VAL B 139 28.21 25.64 15.04
C VAL B 139 28.23 27.18 14.94
N HIS B 140 28.90 27.78 15.91
CA HIS B 140 29.01 29.25 15.96
C HIS B 140 29.56 29.75 14.63
N LYS B 141 28.99 30.89 14.16
CA LYS B 141 29.40 31.46 12.87
C LYS B 141 30.88 31.72 12.72
N THR B 142 31.53 31.95 13.85
CA THR B 142 32.98 32.25 13.85
C THR B 142 33.84 31.01 13.63
N LEU B 143 33.20 29.85 13.68
CA LEU B 143 33.93 28.55 13.71
C LEU B 143 33.46 27.61 12.61
N ARG B 144 32.88 28.18 11.55
CA ARG B 144 32.40 27.43 10.38
C ARG B 144 33.49 26.84 9.46
N SER B 145 33.22 25.69 8.85
CA SER B 145 34.10 25.00 7.91
C SER B 145 35.36 24.56 8.60
N LYS B 146 35.26 24.18 9.87
CA LYS B 146 36.42 23.65 10.57
C LYS B 146 36.27 22.11 10.82
N ARG B 147 35.25 21.50 10.20
CA ARG B 147 34.89 20.11 10.39
C ARG B 147 34.46 19.84 11.82
N LEU B 148 33.86 20.78 12.56
CA LEU B 148 33.22 20.46 13.82
C LEU B 148 31.93 19.67 13.70
N ALA B 149 31.19 19.87 12.61
CA ALA B 149 29.86 19.25 12.55
C ALA B 149 29.96 17.73 12.45
N PRO B 150 30.94 17.19 11.69
CA PRO B 150 31.06 15.72 11.76
C PRO B 150 31.37 15.19 13.13
N VAL B 151 32.04 15.97 13.96
CA VAL B 151 32.38 15.52 15.32
C VAL B 151 31.06 15.44 16.14
N LEU B 152 30.28 16.52 16.10
CA LEU B 152 28.90 16.57 16.70
C LEU B 152 28.07 15.38 16.24
N ILE B 153 28.10 15.12 14.90
CA ILE B 153 27.24 14.05 14.34
C ILE B 153 27.72 12.65 14.81
N LYS B 154 29.01 12.44 14.83
CA LYS B 154 29.55 11.13 15.25
C LYS B 154 29.29 10.93 16.75
N GLU B 155 29.35 12.01 17.54
CA GLU B 155 29.21 11.86 18.95
C GLU B 155 27.77 11.60 19.36
N ILE B 156 26.83 12.26 18.66
CA ILE B 156 25.45 11.94 18.94
C ILE B 156 25.08 10.54 18.47
N THR B 157 25.65 10.16 17.33
CA THR B 157 25.45 8.76 16.84
C THR B 157 25.87 7.74 17.89
N ARG B 158 27.04 7.96 18.45
CA ARG B 158 27.55 7.11 19.49
C ARG B 158 26.56 6.99 20.64
N ARG B 159 26.10 8.15 21.11
CA ARG B 159 25.26 8.10 22.30
C ARG B 159 23.87 7.49 22.06
N ILE B 160 23.37 7.63 20.84
CA ILE B 160 22.15 6.95 20.40
C ILE B 160 22.35 5.47 20.27
N ASN B 161 23.50 5.04 19.68
CA ASN B 161 23.80 3.61 19.57
C ASN B 161 23.84 2.97 21.00
N LEU B 162 24.21 3.76 22.01
CA LEU B 162 24.32 3.22 23.41
C LEU B 162 22.93 2.92 24.00
N GLU B 163 21.90 3.33 23.27
CA GLU B 163 20.51 3.00 23.61
C GLU B 163 19.94 1.97 22.68
N ASN B 164 20.79 1.31 21.94
CA ASN B 164 20.41 0.21 21.05
C ASN B 164 19.50 0.70 19.94
N ILE B 165 19.78 1.94 19.49
CA ILE B 165 19.05 2.58 18.41
C ILE B 165 20.03 2.81 17.30
N TRP B 166 19.66 2.45 16.07
CA TRP B 166 20.65 2.37 14.95
C TRP B 166 20.20 3.15 13.71
N GLN B 167 19.07 3.83 13.80
CA GLN B 167 18.50 4.61 12.72
C GLN B 167 18.09 6.00 13.24
N ALA B 168 18.01 7.00 12.34
CA ALA B 168 17.68 8.31 12.72
C ALA B 168 16.98 8.97 11.52
N ILE B 169 16.14 9.95 11.86
CA ILE B 169 15.50 10.79 10.87
C ILE B 169 15.90 12.24 11.10
N TYR B 170 16.00 13.00 10.04
CA TYR B 170 16.45 14.40 10.13
C TYR B 170 16.07 15.13 8.85
N THR B 171 15.94 16.45 8.90
CA THR B 171 15.53 17.25 7.76
C THR B 171 16.60 18.31 7.61
N ALA B 172 16.86 18.75 6.37
CA ALA B 172 17.76 19.91 6.18
C ALA B 172 17.28 20.67 4.88
N GLY B 173 17.59 21.94 4.79
CA GLY B 173 17.40 22.62 3.53
C GLY B 173 18.57 22.35 2.56
N VAL B 174 19.73 21.91 3.05
CA VAL B 174 20.87 21.59 2.18
C VAL B 174 20.72 20.17 1.62
N TYR B 175 21.15 19.98 0.40
CA TYR B 175 21.28 18.64 -0.20
C TYR B 175 22.47 17.84 0.32
N LEU B 176 22.19 16.62 0.80
CA LEU B 176 23.14 15.71 1.40
C LEU B 176 22.80 14.37 0.82
N PRO B 177 23.73 13.40 0.94
CA PRO B 177 23.34 12.06 0.54
C PRO B 177 22.43 11.42 1.59
N LYS B 178 21.25 10.93 1.21
CA LYS B 178 20.49 11.22 -0.01
C LYS B 178 19.00 11.34 0.44
N PRO B 179 18.28 12.36 -0.02
CA PRO B 179 16.93 12.46 0.49
C PRO B 179 16.08 11.24 0.17
N VAL B 180 15.16 10.94 1.10
CA VAL B 180 14.06 10.06 0.82
C VAL B 180 12.92 10.85 0.23
N SER B 181 12.83 12.15 0.55
CA SER B 181 11.81 12.97 -0.15
C SER B 181 12.23 14.42 -0.02
N ASP B 182 11.59 15.33 -0.73
CA ASP B 182 12.03 16.73 -0.82
C ASP B 182 10.71 17.50 -0.92
N ALA B 183 10.41 18.38 0.03
CA ALA B 183 9.14 19.12 0.03
C ALA B 183 9.40 20.61 0.02
N ARG B 184 8.92 21.29 -1.00
CA ARG B 184 9.00 22.74 -0.99
C ARG B 184 8.05 23.32 0.07
N TYR B 185 8.38 24.51 0.54
CA TYR B 185 7.50 25.26 1.43
C TYR B 185 6.79 26.39 0.68
N TYR B 186 5.60 26.63 1.20
CA TYR B 186 4.70 27.65 0.66
C TYR B 186 4.18 28.51 1.81
N HIS B 187 3.83 29.73 1.49
CA HIS B 187 3.51 30.77 2.47
CA HIS B 187 3.48 30.74 2.51
C HIS B 187 2.18 31.41 2.16
N ARG B 188 1.34 31.58 3.19
CA ARG B 188 0.11 32.29 3.03
C ARG B 188 0.21 33.57 3.86
N SER B 189 0.23 34.69 3.13
CA SER B 189 0.31 35.99 3.82
C SER B 189 -0.88 36.25 4.69
N ILE B 190 -0.65 36.72 5.89
CA ILE B 190 -1.73 37.20 6.76
C ILE B 190 -1.64 38.75 6.96
N ASN B 191 -0.49 39.22 7.44
CA ASN B 191 -0.20 40.63 7.62
C ASN B 191 0.59 41.12 6.44
N VAL B 192 -0.14 41.47 5.40
CA VAL B 192 0.37 41.69 4.08
C VAL B 192 1.35 42.86 4.05
N LYS B 193 0.95 43.98 4.62
CA LYS B 193 1.81 45.14 4.61
C LYS B 193 3.16 44.90 5.30
N LYS B 194 3.18 44.24 6.44
CA LYS B 194 4.41 43.99 7.15
C LYS B 194 5.25 43.08 6.29
N LEU B 195 4.68 42.03 5.68
CA LEU B 195 5.48 41.16 4.82
C LEU B 195 6.09 41.89 3.64
N ILE B 196 5.35 42.84 3.05
CA ILE B 196 5.93 43.67 1.98
CA ILE B 196 5.95 43.63 1.97
C ILE B 196 7.08 44.51 2.50
N GLU B 197 6.87 45.16 3.63
CA GLU B 197 7.84 46.13 4.13
C GLU B 197 9.13 45.44 4.54
N ILE B 198 9.06 44.16 4.92
CA ILE B 198 10.28 43.42 5.32
C ILE B 198 10.95 42.63 4.15
N GLY B 199 10.36 42.67 2.96
CA GLY B 199 10.80 41.87 1.79
C GLY B 199 10.58 40.38 1.88
N PHE B 200 9.58 39.96 2.64
CA PHE B 200 9.15 38.59 2.65
C PHE B 200 8.32 38.37 1.41
N SER B 201 7.45 39.35 1.05
CA SER B 201 6.58 39.27 -0.16
C SER B 201 6.85 40.49 -1.04
N SER B 202 6.20 40.57 -2.22
CA SER B 202 6.42 41.63 -3.22
C SER B 202 5.14 42.24 -3.74
N LEU B 203 5.25 43.46 -4.25
CA LEU B 203 4.20 44.12 -5.05
C LEU B 203 4.58 44.36 -6.52
N ASN B 204 3.58 44.55 -7.38
CA ASN B 204 3.77 44.99 -8.76
C ASN B 204 2.74 46.05 -9.20
N SER B 205 2.86 46.54 -10.44
CA SER B 205 1.97 47.60 -10.94
C SER B 205 0.48 47.20 -10.96
N ARG B 206 0.20 45.91 -11.14
CA ARG B 206 -1.19 45.42 -10.99
C ARG B 206 -1.56 45.22 -9.52
N LEU B 207 -0.68 44.58 -8.77
CA LEU B 207 -0.86 44.42 -7.35
C LEU B 207 -0.24 45.58 -6.55
N THR B 208 -1.03 46.64 -6.38
CA THR B 208 -0.74 47.74 -5.48
C THR B 208 -0.89 47.30 -4.04
N MET B 209 -0.46 48.15 -3.13
CA MET B 209 -0.50 47.79 -1.72
C MET B 209 -1.96 47.48 -1.30
N SER B 210 -2.87 48.34 -1.71
CA SER B 210 -4.29 48.16 -1.26
C SER B 210 -4.91 46.86 -1.87
N ARG B 211 -4.60 46.59 -3.13
CA ARG B 211 -5.11 45.36 -3.75
C ARG B 211 -4.49 44.10 -3.13
N ALA B 212 -3.23 44.19 -2.66
CA ALA B 212 -2.61 43.04 -1.97
C ALA B 212 -3.35 42.76 -0.66
N ILE B 213 -3.59 43.81 0.10
CA ILE B 213 -4.29 43.68 1.34
CA ILE B 213 -4.32 43.73 1.34
C ILE B 213 -5.69 43.09 1.06
N LYS B 214 -6.34 43.55 -0.01
CA LYS B 214 -7.68 43.05 -0.31
C LYS B 214 -7.61 41.57 -0.66
N LEU B 215 -6.68 41.23 -1.54
CA LEU B 215 -6.56 39.82 -1.99
C LEU B 215 -6.38 38.83 -0.82
N TYR B 216 -5.67 39.23 0.24
CA TYR B 216 -5.28 38.29 1.31
C TYR B 216 -6.25 38.47 2.50
N ARG B 217 -7.25 39.35 2.40
CA ARG B 217 -8.23 39.53 3.50
CA ARG B 217 -8.24 39.54 3.49
C ARG B 217 -8.93 38.21 3.77
N VAL B 218 -9.18 37.92 5.04
CA VAL B 218 -10.00 36.73 5.37
C VAL B 218 -11.25 37.07 6.18
N GLU B 219 -12.30 36.28 5.99
CA GLU B 219 -13.50 36.39 6.83
C GLU B 219 -13.22 35.82 8.25
N ASP B 220 -13.54 36.61 9.26
CA ASP B 220 -13.34 36.20 10.65
C ASP B 220 -14.41 35.22 11.16
N THR B 221 -14.79 34.25 10.31
CA THR B 221 -15.78 33.21 10.72
C THR B 221 -15.28 31.84 10.30
N LEU B 222 -15.29 30.91 11.24
CA LEU B 222 -14.84 29.56 10.98
C LEU B 222 -15.78 28.76 10.13
N ASN B 223 -15.23 27.97 9.22
CA ASN B 223 -16.05 27.00 8.50
C ASN B 223 -16.63 25.94 9.41
N ILE B 224 -15.83 25.56 10.40
CA ILE B 224 -16.18 24.50 11.34
C ILE B 224 -16.36 25.23 12.66
N LYS B 225 -17.64 25.54 12.95
CA LYS B 225 -17.97 26.56 13.97
C LYS B 225 -17.43 26.22 15.34
N ASN B 226 -17.41 24.93 15.69
CA ASN B 226 -17.07 24.51 17.05
C ASN B 226 -15.57 24.16 17.26
N MET B 227 -14.71 24.47 16.27
CA MET B 227 -13.27 24.25 16.37
CA MET B 227 -13.24 24.32 16.37
C MET B 227 -12.77 25.04 17.61
N ARG B 228 -12.12 24.34 18.53
CA ARG B 228 -11.77 24.93 19.83
C ARG B 228 -10.46 24.40 20.33
N LEU B 229 -9.80 25.16 21.20
CA LEU B 229 -8.52 24.67 21.70
C LEU B 229 -8.66 23.29 22.32
N MET B 230 -7.68 22.47 22.04
CA MET B 230 -7.65 21.16 22.60
C MET B 230 -7.40 21.18 24.12
N LYS B 231 -8.05 20.24 24.77
CA LYS B 231 -7.95 20.09 26.22
CA LYS B 231 -8.04 20.07 26.23
C LYS B 231 -7.52 18.66 26.56
N LYS B 232 -7.04 18.42 27.79
CA LYS B 232 -6.61 17.07 28.20
C LYS B 232 -7.63 15.96 27.87
N LYS B 233 -8.91 16.19 28.11
CA LYS B 233 -10.04 15.20 27.79
C LYS B 233 -9.97 14.77 26.33
N ASP B 234 -9.51 15.67 25.44
CA ASP B 234 -9.39 15.33 23.98
C ASP B 234 -8.21 14.38 23.53
N VAL B 235 -7.29 14.02 24.42
CA VAL B 235 -6.08 13.28 24.05
C VAL B 235 -6.41 11.95 23.36
N GLU B 236 -7.38 11.19 23.94
CA GLU B 236 -7.67 9.89 23.39
C GLU B 236 -8.27 10.06 21.98
N GLY B 237 -9.19 11.01 21.83
CA GLY B 237 -9.81 11.21 20.52
C GLY B 237 -8.81 11.68 19.47
N VAL B 238 -7.89 12.55 19.87
CA VAL B 238 -6.87 13.04 18.91
C VAL B 238 -5.97 11.93 18.49
N HIS B 239 -5.58 11.08 19.45
CA HIS B 239 -4.77 9.94 19.20
C HIS B 239 -5.42 8.98 18.19
N LYS B 240 -6.71 8.71 18.40
CA LYS B 240 -7.46 7.90 17.44
C LYS B 240 -7.56 8.54 16.06
N LEU B 241 -7.93 9.82 16.01
CA LEU B 241 -8.14 10.51 14.73
C LEU B 241 -6.80 10.57 13.93
N LEU B 242 -5.74 11.06 14.59
CA LEU B 242 -4.47 11.26 13.93
C LEU B 242 -3.78 9.93 13.60
N GLY B 243 -3.74 9.01 14.55
CA GLY B 243 -3.18 7.68 14.36
C GLY B 243 -3.74 6.96 13.13
N SER B 244 -5.07 6.94 13.05
N SER B 244 -5.06 6.90 12.98
CA SER B 244 -5.81 6.45 11.87
CA SER B 244 -5.62 6.25 11.77
C SER B 244 -5.28 7.08 10.59
C SER B 244 -5.41 7.07 10.49
N TYR B 245 -5.34 8.40 10.59
CA TYR B 245 -5.11 9.23 9.40
C TYR B 245 -3.69 9.00 8.86
N LEU B 246 -2.73 8.88 9.79
CA LEU B 246 -1.33 8.88 9.31
C LEU B 246 -0.88 7.56 8.66
N GLU B 247 -1.63 6.50 8.95
CA GLU B 247 -1.37 5.20 8.39
C GLU B 247 -1.30 5.16 6.88
N GLN B 248 -1.89 6.10 6.19
CA GLN B 248 -1.80 6.04 4.75
C GLN B 248 -0.42 6.43 4.18
N PHE B 249 0.47 6.99 5.00
CA PHE B 249 1.64 7.63 4.39
C PHE B 249 2.80 6.70 4.40
N ASN B 250 3.82 7.01 3.61
CA ASN B 250 5.00 6.16 3.53
CA ASN B 250 5.05 6.22 3.43
C ASN B 250 6.04 6.46 4.57
N LEU B 251 5.82 7.55 5.32
CA LEU B 251 6.73 7.95 6.39
C LEU B 251 5.93 8.76 7.41
N TYR B 252 5.91 8.27 8.62
CA TYR B 252 5.17 8.95 9.69
C TYR B 252 5.61 8.47 11.04
N ALA B 253 5.43 9.29 12.07
CA ALA B 253 5.73 8.90 13.50
C ALA B 253 4.56 8.09 14.02
N VAL B 254 4.84 7.06 14.83
CA VAL B 254 3.80 6.29 15.44
C VAL B 254 3.62 6.87 16.86
N PHE B 255 2.56 7.64 17.10
CA PHE B 255 2.43 8.36 18.37
C PHE B 255 1.71 7.48 19.39
N THR B 256 2.23 7.50 20.58
CA THR B 256 1.53 6.92 21.73
C THR B 256 0.63 7.97 22.30
N LYS B 257 -0.24 7.55 23.24
CA LYS B 257 -1.12 8.50 23.91
C LYS B 257 -0.35 9.60 24.63
N GLU B 258 0.72 9.21 25.37
CA GLU B 258 1.57 10.21 26.06
CA GLU B 258 1.49 10.25 26.08
C GLU B 258 2.22 11.16 25.07
N GLU B 259 2.55 10.64 23.90
CA GLU B 259 3.21 11.53 22.89
C GLU B 259 2.15 12.42 22.30
N ILE B 260 0.95 11.91 22.06
CA ILE B 260 -0.09 12.89 21.66
C ILE B 260 -0.29 14.08 22.64
N ALA B 261 -0.41 13.74 23.94
CA ALA B 261 -0.54 14.76 24.98
C ALA B 261 0.70 15.73 24.87
N HIS B 262 1.93 15.20 24.82
CA HIS B 262 3.10 16.12 24.72
C HIS B 262 3.05 17.06 23.48
N TRP B 263 2.85 16.49 22.30
CA TRP B 263 3.00 17.21 21.03
C TRP B 263 1.87 18.10 20.68
N PHE B 264 0.70 17.86 21.28
CA PHE B 264 -0.51 18.61 20.88
C PHE B 264 -1.16 19.43 21.93
N LEU B 265 -1.05 19.14 23.26
CA LEU B 265 -1.81 20.05 24.16
C LEU B 265 -1.26 21.45 24.07
N PRO B 266 -2.13 22.46 24.00
CA PRO B 266 -1.63 23.77 23.62
C PRO B 266 -0.66 24.39 24.65
N ILE B 267 0.40 25.07 24.17
CA ILE B 267 1.22 25.94 24.99
C ILE B 267 1.36 27.27 24.26
N GLU B 268 0.94 28.37 24.87
CA GLU B 268 0.94 29.66 24.20
C GLU B 268 2.33 29.99 23.65
N ASN B 269 2.37 30.51 22.42
CA ASN B 269 3.62 30.90 21.77
C ASN B 269 4.50 29.71 21.41
N VAL B 270 3.91 28.52 21.42
CA VAL B 270 4.69 27.32 21.08
C VAL B 270 3.87 26.41 20.14
N ILE B 271 2.76 25.82 20.69
CA ILE B 271 2.00 24.84 19.92
C ILE B 271 0.54 25.16 20.12
N TYR B 272 -0.19 25.14 19.01
CA TYR B 272 -1.65 25.44 18.99
C TYR B 272 -2.36 24.25 18.36
N THR B 273 -3.30 23.66 19.08
CA THR B 273 -4.07 22.57 18.51
C THR B 273 -5.53 22.86 18.74
N TYR B 274 -6.34 22.72 17.69
CA TYR B 274 -7.78 22.96 17.77
C TYR B 274 -8.47 21.67 17.34
N VAL B 275 -9.60 21.39 18.00
CA VAL B 275 -10.45 20.22 17.68
C VAL B 275 -11.89 20.55 17.46
N ASN B 276 -12.57 19.70 16.71
CA ASN B 276 -14.01 19.71 16.57
C ASN B 276 -14.51 18.41 17.14
N GLU B 277 -15.16 18.51 18.31
CA GLU B 277 -15.83 17.39 18.99
C GLU B 277 -17.29 17.34 18.61
N GLU B 278 -17.80 16.21 18.15
CA GLU B 278 -19.21 16.09 17.73
C GLU B 278 -19.65 14.77 18.32
N ASN B 279 -20.64 14.81 19.22
CA ASN B 279 -21.22 13.56 19.76
C ASN B 279 -20.17 12.75 20.54
N GLY B 280 -19.38 13.45 21.34
CA GLY B 280 -18.33 12.86 22.16
C GLY B 280 -17.03 12.46 21.46
N LYS B 281 -16.96 12.66 20.12
CA LYS B 281 -15.85 12.13 19.32
C LYS B 281 -15.16 13.30 18.64
N ILE B 282 -13.84 13.22 18.58
CA ILE B 282 -12.99 14.21 17.91
C ILE B 282 -13.03 13.90 16.45
N LYS B 283 -13.64 14.79 15.64
CA LYS B 283 -13.75 14.48 14.24
C LYS B 283 -12.82 15.27 13.30
N ASP B 284 -12.23 16.37 13.79
CA ASP B 284 -11.36 17.19 12.99
C ASP B 284 -10.32 17.76 13.90
N MET B 285 -9.15 18.07 13.36
CA MET B 285 -8.08 18.72 14.16
C MET B 285 -7.30 19.62 13.26
N ILE B 286 -6.87 20.73 13.87
CA ILE B 286 -5.94 21.73 13.28
C ILE B 286 -4.77 21.92 14.24
N SER B 287 -3.54 21.91 13.72
CA SER B 287 -2.42 22.24 14.62
C SER B 287 -1.35 22.97 13.89
N PHE B 288 -0.73 23.93 14.60
CA PHE B 288 0.47 24.59 14.04
C PHE B 288 1.37 25.03 15.15
N TYR B 289 2.67 25.12 14.85
CA TYR B 289 3.61 25.58 15.91
C TYR B 289 4.15 27.00 15.53
N SER B 290 4.64 27.68 16.58
CA SER B 290 5.13 29.04 16.45
C SER B 290 6.64 29.06 16.24
N LEU B 291 7.11 29.58 15.10
CA LEU B 291 8.57 29.64 14.88
C LEU B 291 8.83 31.03 14.28
N PRO B 292 9.14 32.01 15.14
CA PRO B 292 9.44 33.36 14.59
C PRO B 292 10.76 33.38 13.90
N SER B 293 10.91 34.29 12.94
CA SER B 293 12.25 34.58 12.43
C SER B 293 12.72 35.97 12.84
N GLN B 294 13.96 36.07 13.27
CA GLN B 294 14.56 37.37 13.43
C GLN B 294 14.74 37.99 12.03
N ILE B 295 14.36 39.25 11.92
CA ILE B 295 14.51 39.99 10.68
C ILE B 295 15.90 40.71 10.77
N LEU B 296 16.78 40.43 9.86
CA LEU B 296 18.09 40.99 10.00
C LEU B 296 18.15 42.40 9.42
N GLY B 297 18.63 43.33 10.22
CA GLY B 297 18.82 44.69 9.72
C GLY B 297 17.59 45.29 9.03
N ASN B 298 16.49 45.47 9.76
CA ASN B 298 15.31 46.22 9.31
C ASN B 298 15.03 47.08 10.52
N ASP B 299 15.06 48.40 10.43
CA ASP B 299 14.92 49.11 11.74
C ASP B 299 13.47 49.25 12.27
N LYS B 300 12.48 48.97 11.42
CA LYS B 300 11.10 48.98 11.88
C LYS B 300 10.69 47.72 12.61
N TYR B 301 10.99 46.57 12.01
CA TYR B 301 10.56 45.27 12.52
C TYR B 301 11.77 44.41 12.81
N SER B 302 11.78 43.80 13.96
CA SER B 302 12.87 42.91 14.36
C SER B 302 12.43 41.43 14.27
N THR B 303 11.11 41.17 14.21
CA THR B 303 10.63 39.75 14.35
C THR B 303 9.46 39.55 13.38
N LEU B 304 9.47 38.42 12.70
CA LEU B 304 8.38 37.94 11.83
C LEU B 304 7.70 36.83 12.64
N ASN B 305 6.41 36.95 12.90
CA ASN B 305 5.74 35.88 13.70
C ASN B 305 5.08 34.93 12.73
N ALA B 306 5.46 33.65 12.77
CA ALA B 306 4.96 32.75 11.80
C ALA B 306 4.45 31.48 12.39
N ALA B 307 3.31 31.07 11.85
CA ALA B 307 2.68 29.79 12.22
C ALA B 307 3.10 28.74 11.16
N TYR B 308 3.48 27.55 11.64
CA TYR B 308 3.96 26.41 10.80
C TYR B 308 2.96 25.24 10.88
N SER B 309 2.30 24.99 9.77
CA SER B 309 1.39 23.86 9.63
C SER B 309 2.03 22.57 10.13
N PHE B 310 1.32 21.88 11.02
CA PHE B 310 1.80 20.69 11.70
C PHE B 310 0.97 19.50 11.27
N TYR B 311 -0.07 19.12 12.02
CA TYR B 311 -0.97 18.07 11.53
C TYR B 311 -2.38 18.57 11.50
N ASN B 312 -3.04 18.28 10.39
CA ASN B 312 -4.42 18.74 10.16
C ASN B 312 -5.22 17.59 9.59
N VAL B 313 -6.41 17.31 10.14
CA VAL B 313 -7.24 16.19 9.66
C VAL B 313 -8.69 16.61 9.70
N THR B 314 -9.44 16.33 8.62
CA THR B 314 -10.84 16.60 8.57
C THR B 314 -11.60 15.36 8.13
N THR B 315 -12.69 15.12 8.86
CA THR B 315 -13.70 14.11 8.48
C THR B 315 -15.10 14.72 8.34
N THR B 316 -15.29 16.00 8.64
CA THR B 316 -16.62 16.63 8.50
C THR B 316 -16.68 17.81 7.52
N ALA B 317 -15.54 18.22 6.98
CA ALA B 317 -15.42 19.34 6.02
C ALA B 317 -14.52 18.92 4.89
N THR B 318 -14.31 19.80 3.93
CA THR B 318 -13.28 19.58 2.95
C THR B 318 -11.93 20.00 3.55
N PHE B 319 -10.88 19.41 2.98
CA PHE B 319 -9.53 19.78 3.41
C PHE B 319 -9.22 21.26 3.17
N LYS B 320 -9.74 21.83 2.05
CA LYS B 320 -9.64 23.24 1.79
C LYS B 320 -10.34 24.05 2.92
N GLN B 321 -11.57 23.69 3.29
CA GLN B 321 -12.27 24.38 4.43
C GLN B 321 -11.53 24.29 5.75
N LEU B 322 -10.87 23.14 5.97
CA LEU B 322 -10.11 22.93 7.21
C LEU B 322 -8.92 23.85 7.27
N MET B 323 -8.18 23.81 6.18
CA MET B 323 -6.98 24.67 6.06
C MET B 323 -7.32 26.19 6.05
N GLN B 324 -8.47 26.56 5.46
CA GLN B 324 -8.93 27.92 5.61
C GLN B 324 -9.15 28.30 7.09
N ASP B 325 -9.76 27.41 7.83
CA ASP B 325 -9.89 27.63 9.29
C ASP B 325 -8.53 27.71 9.97
N ALA B 326 -7.57 26.88 9.55
CA ALA B 326 -6.22 26.94 10.10
C ALA B 326 -5.61 28.35 9.92
N ILE B 327 -5.68 28.86 8.70
CA ILE B 327 -5.19 30.23 8.40
C ILE B 327 -5.87 31.24 9.32
N LEU B 328 -7.22 31.12 9.50
CA LEU B 328 -7.93 32.06 10.33
C LEU B 328 -7.53 31.99 11.78
N LEU B 329 -7.48 30.78 12.31
CA LEU B 329 -6.96 30.60 13.66
C LEU B 329 -5.52 31.11 13.84
N ALA B 330 -4.63 30.87 12.86
CA ALA B 330 -3.37 31.60 12.95
C ALA B 330 -3.52 33.12 13.00
N LYS B 331 -4.36 33.68 12.15
CA LYS B 331 -4.59 35.13 12.20
C LYS B 331 -5.06 35.60 13.56
N ARG B 332 -6.03 34.88 14.11
CA ARG B 332 -6.55 35.21 15.44
C ARG B 332 -5.50 35.12 16.55
N ASN B 333 -4.45 34.32 16.30
CA ASN B 333 -3.33 34.25 17.24
C ASN B 333 -2.19 35.20 16.91
N ASN B 334 -2.44 36.24 16.10
CA ASN B 334 -1.45 37.34 15.81
C ASN B 334 -0.21 36.87 14.98
N PHE B 335 -0.35 35.79 14.20
CA PHE B 335 0.69 35.44 13.25
C PHE B 335 0.66 36.25 11.99
N ASP B 336 1.87 36.52 11.44
CA ASP B 336 1.87 37.41 10.27
C ASP B 336 1.74 36.58 9.00
N VAL B 337 2.05 35.27 9.09
CA VAL B 337 2.18 34.41 7.91
C VAL B 337 1.85 32.97 8.39
N PHE B 338 1.26 32.18 7.48
CA PHE B 338 1.06 30.76 7.77
C PHE B 338 1.85 29.95 6.72
N ASN B 339 2.73 29.08 7.19
CA ASN B 339 3.67 28.35 6.30
C ASN B 339 3.31 26.86 6.30
N ALA B 340 3.46 26.24 5.13
CA ALA B 340 3.11 24.78 5.00
C ALA B 340 4.07 24.16 3.98
N LEU B 341 4.50 22.93 4.29
CA LEU B 341 5.17 22.08 3.30
C LEU B 341 4.21 21.33 2.41
N GLU B 342 4.66 20.96 1.21
CA GLU B 342 3.80 20.23 0.27
C GLU B 342 3.78 18.73 0.70
N VAL B 343 3.49 18.46 1.97
CA VAL B 343 3.41 17.09 2.46
C VAL B 343 1.96 16.72 2.67
N MET B 344 1.70 15.45 2.93
CA MET B 344 0.31 14.98 3.14
C MET B 344 -0.56 15.54 2.00
N GLN B 345 -1.76 16.06 2.33
CA GLN B 345 -2.69 16.60 1.29
C GLN B 345 -2.51 18.08 1.06
N ASN B 346 -1.46 18.69 1.58
CA ASN B 346 -1.43 20.14 1.59
C ASN B 346 -1.32 20.77 0.22
N LYS B 347 -0.56 20.17 -0.71
CA LYS B 347 -0.32 20.93 -1.96
C LYS B 347 -1.74 21.23 -2.61
N SER B 348 -2.67 20.30 -2.41
CA SER B 348 -3.98 20.38 -3.08
C SER B 348 -4.76 21.70 -2.83
N VAL B 349 -4.51 22.37 -1.71
CA VAL B 349 -5.22 23.58 -1.26
C VAL B 349 -4.42 24.83 -1.52
N PHE B 350 -3.19 24.73 -2.01
CA PHE B 350 -2.35 25.92 -2.00
C PHE B 350 -2.83 26.99 -2.97
N GLU B 351 -3.27 26.58 -4.16
CA GLU B 351 -3.70 27.56 -5.16
CA GLU B 351 -3.67 27.61 -5.10
C GLU B 351 -4.95 28.30 -4.68
N ASP B 352 -5.97 27.50 -4.33
CA ASP B 352 -7.24 28.07 -3.92
C ASP B 352 -7.12 28.93 -2.69
N LEU B 353 -6.20 28.59 -1.78
CA LEU B 353 -6.07 29.37 -0.53
C LEU B 353 -4.97 30.48 -0.59
N LYS B 354 -4.50 30.73 -1.79
CA LYS B 354 -3.62 31.88 -2.08
C LYS B 354 -2.24 31.74 -1.42
N PHE B 355 -1.77 30.54 -1.30
CA PHE B 355 -0.38 30.35 -0.86
C PHE B 355 0.55 30.71 -2.05
N GLY B 356 1.75 31.20 -1.75
CA GLY B 356 2.75 31.50 -2.77
C GLY B 356 3.86 30.48 -2.57
N GLU B 357 4.45 29.99 -3.65
CA GLU B 357 5.65 29.15 -3.56
C GLU B 357 6.82 29.93 -2.97
N GLY B 358 7.47 29.32 -2.00
CA GLY B 358 8.71 29.81 -1.41
C GLY B 358 9.87 29.64 -2.38
N ASP B 359 11.04 29.77 -1.76
CA ASP B 359 12.41 29.85 -2.33
C ASP B 359 13.19 28.56 -2.35
N GLY B 360 12.69 27.55 -1.70
CA GLY B 360 13.53 26.41 -1.48
C GLY B 360 12.74 25.27 -0.90
N SER B 361 13.47 24.29 -0.40
CA SER B 361 12.76 23.07 0.02
C SER B 361 13.38 22.43 1.20
N LEU B 362 12.59 21.58 1.85
CA LEU B 362 13.13 20.83 3.00
C LEU B 362 13.29 19.39 2.57
N LYS B 363 14.53 18.91 2.63
CA LYS B 363 14.81 17.46 2.32
C LYS B 363 14.68 16.57 3.56
N TYR B 364 14.13 15.38 3.36
CA TYR B 364 13.90 14.42 4.48
C TYR B 364 14.92 13.35 4.28
N TYR B 365 15.60 12.98 5.38
CA TYR B 365 16.66 11.99 5.37
C TYR B 365 16.43 10.93 6.47
N LEU B 366 16.86 9.74 6.13
CA LEU B 366 17.10 8.65 7.08
C LEU B 366 18.57 8.25 7.17
N TYR B 367 19.04 7.88 8.37
CA TYR B 367 20.39 7.40 8.60
C TYR B 367 20.26 5.89 8.85
N ASN B 368 21.10 5.15 8.13
CA ASN B 368 21.17 3.72 8.22
C ASN B 368 19.87 3.02 7.82
N TRP B 369 19.36 3.50 6.69
CA TRP B 369 18.15 2.96 6.09
C TRP B 369 18.14 3.09 4.58
N LYS B 370 18.00 1.95 3.91
CA LYS B 370 17.93 1.85 2.44
C LYS B 370 16.45 1.67 2.10
N CYS B 371 15.88 2.52 1.21
CA CYS B 371 14.46 2.41 0.74
C CYS B 371 14.26 3.25 -0.50
N ALA B 372 13.18 3.01 -1.21
CA ALA B 372 12.77 3.88 -2.34
C ALA B 372 12.45 5.27 -1.85
N SER B 373 12.91 6.28 -2.60
CA SER B 373 12.48 7.61 -2.34
C SER B 373 11.03 7.81 -2.86
N PHE B 374 10.40 8.93 -2.49
CA PHE B 374 9.03 9.10 -2.84
C PHE B 374 8.61 10.58 -2.86
N ALA B 375 7.52 10.89 -3.57
CA ALA B 375 7.06 12.28 -3.65
C ALA B 375 6.61 12.73 -2.28
N PRO B 376 6.63 14.06 -2.04
CA PRO B 376 6.30 14.51 -0.66
C PRO B 376 4.85 14.36 -0.24
N ALA B 377 3.90 14.18 -1.18
CA ALA B 377 2.54 13.84 -0.75
C ALA B 377 2.48 12.57 0.10
N HIS B 378 3.48 11.72 -0.10
CA HIS B 378 3.57 10.50 0.69
C HIS B 378 4.30 10.65 2.05
N VAL B 379 4.79 11.85 2.33
CA VAL B 379 5.45 12.08 3.64
C VAL B 379 4.33 12.44 4.64
N GLY B 380 4.30 11.81 5.79
CA GLY B 380 3.30 12.14 6.77
C GLY B 380 3.84 12.59 8.07
N ILE B 381 5.00 13.23 8.02
CA ILE B 381 5.70 13.69 9.24
C ILE B 381 6.20 15.09 9.01
N VAL B 382 5.97 15.95 10.02
CA VAL B 382 6.51 17.30 10.02
C VAL B 382 7.41 17.45 11.26
N LEU B 383 8.66 17.81 11.01
CA LEU B 383 9.62 18.04 12.06
CA LEU B 383 9.61 18.05 12.07
C LEU B 383 9.59 19.48 12.53
N LEU B 384 10.44 19.79 13.50
CA LEU B 384 10.31 21.11 14.17
C LEU B 384 11.42 22.03 13.67
N ASP C 1 -24.27 -26.98 -3.36
CA ASP C 1 -24.42 -25.51 -3.09
C ASP C 1 -24.26 -25.06 -1.62
N TYR C 2 -23.63 -25.92 -0.80
CA TYR C 2 -23.07 -25.57 0.55
C TYR C 2 -23.96 -24.69 1.41
N LYS C 3 -25.11 -25.24 1.76
CA LYS C 3 -26.11 -24.43 2.42
C LYS C 3 -25.69 -24.00 3.81
N PHE C 4 -24.86 -24.78 4.52
CA PHE C 4 -24.29 -24.31 5.78
C PHE C 4 -23.14 -23.37 5.52
N TRP C 5 -22.14 -23.84 4.76
CA TRP C 5 -20.93 -23.03 4.59
C TRP C 5 -21.18 -21.62 4.02
N TYR C 6 -22.20 -21.47 3.13
CA TYR C 6 -22.34 -20.17 2.52
CA TYR C 6 -22.59 -20.21 2.47
C TYR C 6 -23.01 -19.19 3.51
N THR C 7 -23.45 -19.73 4.66
N THR C 7 -23.42 -19.66 4.69
CA THR C 7 -23.93 -18.88 5.72
CA THR C 7 -23.89 -18.73 5.72
C THR C 7 -22.83 -18.35 6.63
C THR C 7 -22.74 -18.14 6.54
N GLN C 8 -21.58 -18.73 6.38
CA GLN C 8 -20.44 -18.50 7.30
C GLN C 8 -19.50 -17.52 6.62
N PRO C 9 -18.63 -16.86 7.39
CA PRO C 9 -17.65 -15.94 6.82
C PRO C 9 -16.42 -16.68 6.26
N VAL C 10 -16.61 -17.29 5.08
CA VAL C 10 -15.63 -18.02 4.31
C VAL C 10 -15.82 -17.67 2.85
N PRO C 11 -14.80 -17.91 1.99
CA PRO C 11 -14.90 -17.54 0.59
C PRO C 11 -15.97 -18.39 -0.05
N LYS C 12 -16.71 -17.83 -1.01
CA LYS C 12 -17.54 -18.69 -1.90
C LYS C 12 -16.63 -19.59 -2.78
N ILE C 13 -17.17 -20.64 -3.40
CA ILE C 13 -16.34 -21.69 -3.95
C ILE C 13 -15.49 -21.27 -5.14
N ASN C 14 -15.88 -20.17 -5.79
CA ASN C 14 -15.11 -19.71 -6.94
C ASN C 14 -14.30 -18.44 -6.65
N ASP C 15 -14.42 -17.94 -5.41
CA ASP C 15 -13.73 -16.68 -5.03
C ASP C 15 -12.23 -16.78 -5.22
N GLU C 16 -11.65 -15.71 -5.76
CA GLU C 16 -10.19 -15.60 -5.85
C GLU C 16 -9.78 -14.22 -5.41
N PHE C 17 -8.59 -14.08 -4.83
CA PHE C 17 -8.22 -12.85 -4.18
C PHE C 17 -6.84 -12.38 -4.62
N ASN C 18 -6.66 -11.05 -4.68
CA ASN C 18 -5.35 -10.48 -5.02
C ASN C 18 -4.31 -10.67 -3.91
N GLU C 19 -3.02 -10.75 -4.30
CA GLU C 19 -1.92 -10.87 -3.31
C GLU C 19 -2.05 -9.91 -2.10
N SER C 20 -2.45 -8.67 -2.35
CA SER C 20 -2.64 -7.63 -1.34
C SER C 20 -3.72 -7.88 -0.28
N VAL C 21 -4.75 -8.67 -0.63
CA VAL C 21 -5.92 -8.91 0.23
C VAL C 21 -5.52 -9.82 1.41
N ASN C 22 -5.64 -9.31 2.63
CA ASN C 22 -5.27 -10.09 3.81
C ASN C 22 -5.99 -9.51 5.00
N GLU C 23 -7.25 -9.92 5.21
CA GLU C 23 -8.08 -9.24 6.24
C GLU C 23 -9.31 -10.10 6.57
N PRO C 24 -10.02 -9.81 7.69
CA PRO C 24 -11.19 -10.63 8.00
C PRO C 24 -12.32 -10.41 6.99
N PHE C 25 -13.22 -11.37 6.89
CA PHE C 25 -14.47 -11.11 6.18
C PHE C 25 -15.31 -10.16 7.01
N ILE C 26 -15.30 -10.36 8.33
CA ILE C 26 -16.17 -9.62 9.29
C ILE C 26 -15.25 -9.11 10.42
N SER C 27 -15.25 -7.78 10.57
CA SER C 27 -14.35 -7.08 11.51
C SER C 27 -15.18 -6.44 12.59
N ASP C 28 -14.51 -5.88 13.57
CA ASP C 28 -15.19 -5.10 14.63
C ASP C 28 -16.28 -5.94 15.37
N ASN C 29 -15.87 -7.16 15.69
CA ASN C 29 -16.67 -8.14 16.40
C ASN C 29 -16.71 -7.84 17.86
N LYS C 30 -17.81 -8.13 18.55
CA LYS C 30 -17.89 -7.83 19.99
C LYS C 30 -18.17 -9.05 20.88
N VAL C 31 -17.30 -9.29 21.86
CA VAL C 31 -17.55 -10.37 22.80
C VAL C 31 -18.92 -10.22 23.48
N GLU C 32 -19.25 -8.95 23.78
CA GLU C 32 -20.51 -8.64 24.49
C GLU C 32 -21.72 -9.10 23.71
N ASP C 33 -21.59 -9.19 22.41
CA ASP C 33 -22.71 -9.53 21.55
C ASP C 33 -22.87 -11.03 21.25
N VAL C 34 -21.91 -11.82 21.67
CA VAL C 34 -21.89 -13.27 21.30
C VAL C 34 -23.02 -13.96 22.04
N ARG C 35 -23.68 -14.90 21.39
CA ARG C 35 -24.73 -15.69 22.01
C ARG C 35 -24.27 -16.38 23.29
N LYS C 36 -25.06 -16.27 24.35
CA LYS C 36 -24.61 -16.84 25.61
C LYS C 36 -25.25 -18.21 25.85
N ASP C 37 -26.11 -18.64 24.96
CA ASP C 37 -26.87 -19.86 25.07
C ASP C 37 -26.25 -20.90 24.14
N GLU C 38 -26.07 -22.12 24.64
CA GLU C 38 -25.54 -23.24 23.83
C GLU C 38 -26.54 -23.53 22.69
N TYR C 39 -26.01 -23.83 21.51
CA TYR C 39 -26.84 -24.28 20.40
C TYR C 39 -27.68 -25.49 20.75
N LYS C 40 -28.85 -25.58 20.12
CA LYS C 40 -29.82 -26.61 20.43
CA LYS C 40 -29.82 -26.61 20.44
C LYS C 40 -29.46 -27.89 19.71
N LEU C 41 -29.54 -29.02 20.43
CA LEU C 41 -29.36 -30.37 19.91
C LEU C 41 -30.73 -31.07 19.82
N PRO C 42 -30.85 -32.15 19.05
CA PRO C 42 -32.09 -32.91 18.94
C PRO C 42 -32.43 -33.54 20.30
N PRO C 43 -33.70 -33.95 20.51
CA PRO C 43 -34.15 -34.57 21.79
C PRO C 43 -33.35 -35.80 22.18
N GLY C 44 -32.93 -35.79 23.46
CA GLY C 44 -32.18 -36.86 24.02
C GLY C 44 -30.69 -36.71 23.78
N TYR C 45 -30.23 -35.59 23.18
CA TYR C 45 -28.78 -35.36 23.05
C TYR C 45 -28.36 -34.21 23.90
N SER C 46 -27.15 -34.27 24.49
CA SER C 46 -26.71 -33.21 25.41
CA SER C 46 -26.72 -33.22 25.39
C SER C 46 -25.25 -32.86 25.18
N TRP C 47 -24.94 -31.61 25.37
CA TRP C 47 -23.58 -31.11 25.37
C TRP C 47 -22.92 -31.73 26.61
N TYR C 48 -21.63 -32.07 26.47
CA TYR C 48 -20.82 -32.65 27.56
C TYR C 48 -19.45 -31.94 27.66
N VAL C 49 -19.05 -31.66 28.90
CA VAL C 49 -17.75 -30.95 29.12
C VAL C 49 -16.74 -32.08 29.23
N CYS C 50 -15.93 -32.24 28.19
CA CYS C 50 -14.91 -33.33 28.23
C CYS C 50 -13.68 -32.81 28.93
N ASP C 51 -13.19 -33.52 29.96
CA ASP C 51 -11.97 -33.13 30.69
C ASP C 51 -10.98 -34.09 30.17
N VAL C 52 -10.11 -33.63 29.24
N VAL C 52 -10.10 -33.58 29.27
CA VAL C 52 -9.17 -34.56 28.61
CA VAL C 52 -9.09 -34.40 28.59
C VAL C 52 -8.13 -35.03 29.65
C VAL C 52 -8.01 -34.91 29.56
N LYS C 53 -7.88 -34.23 30.69
CA LYS C 53 -6.96 -34.74 31.72
C LYS C 53 -7.52 -35.86 32.58
N ASP C 54 -8.83 -36.11 32.48
CA ASP C 54 -9.44 -37.18 33.22
C ASP C 54 -9.33 -38.47 32.39
N GLU C 55 -8.81 -39.51 32.96
CA GLU C 55 -8.50 -40.67 32.17
C GLU C 55 -9.80 -41.26 31.60
N LYS C 56 -10.88 -41.18 32.38
CA LYS C 56 -12.16 -41.75 31.93
C LYS C 56 -12.78 -40.95 30.75
N ASP C 57 -12.76 -39.64 30.84
CA ASP C 57 -13.27 -38.82 29.74
C ASP C 57 -12.40 -39.00 28.51
N ARG C 58 -11.05 -39.08 28.74
CA ARG C 58 -10.11 -39.23 27.63
C ARG C 58 -10.32 -40.56 26.87
N SER C 59 -10.60 -41.62 27.61
CA SER C 59 -10.91 -42.93 27.03
CA SER C 59 -10.93 -42.92 27.04
C SER C 59 -12.23 -42.90 26.21
N GLU C 60 -13.20 -42.09 26.64
CA GLU C 60 -14.48 -41.97 25.90
CA GLU C 60 -14.47 -42.02 25.88
C GLU C 60 -14.22 -41.33 24.54
N ILE C 61 -13.33 -40.33 24.54
CA ILE C 61 -13.05 -39.61 23.31
C ILE C 61 -12.30 -40.57 22.41
N TYR C 62 -11.30 -41.22 22.99
CA TYR C 62 -10.52 -42.25 22.25
C TYR C 62 -11.42 -43.31 21.56
N THR C 63 -12.37 -43.87 22.29
CA THR C 63 -13.20 -44.90 21.65
C THR C 63 -14.07 -44.33 20.52
N LEU C 64 -14.68 -43.17 20.79
CA LEU C 64 -15.45 -42.52 19.77
C LEU C 64 -14.67 -42.37 18.45
N LEU C 65 -13.46 -41.83 18.57
CA LEU C 65 -12.59 -41.61 17.37
C LEU C 65 -12.06 -42.93 16.74
N THR C 66 -11.67 -43.87 17.61
CA THR C 66 -11.24 -45.16 17.12
C THR C 66 -12.31 -45.76 16.23
N ASP C 67 -13.59 -45.67 16.63
CA ASP C 67 -14.65 -46.33 15.87
C ASP C 67 -15.23 -45.44 14.72
N ASN C 68 -15.08 -44.12 14.81
CA ASN C 68 -15.91 -43.22 13.95
C ASN C 68 -15.17 -42.13 13.20
N TYR C 69 -13.87 -42.01 13.40
CA TYR C 69 -13.09 -40.93 12.78
C TYR C 69 -12.72 -41.22 11.31
N VAL C 70 -11.75 -40.45 10.81
CA VAL C 70 -11.45 -40.43 9.36
C VAL C 70 -10.92 -41.76 8.79
N GLU C 71 -11.46 -42.15 7.63
CA GLU C 71 -11.06 -43.32 6.85
C GLU C 71 -10.48 -42.85 5.55
N ASP C 72 -9.65 -43.65 4.91
CA ASP C 72 -9.14 -43.18 3.59
C ASP C 72 -10.27 -43.34 2.57
N ASP C 73 -10.07 -42.85 1.33
CA ASP C 73 -11.16 -42.91 0.29
C ASP C 73 -11.68 -44.32 0.01
N ASP C 74 -10.77 -45.30 0.06
CA ASP C 74 -11.11 -46.72 -0.10
C ASP C 74 -11.63 -47.43 1.13
N ASN C 75 -11.71 -46.73 2.28
CA ASN C 75 -12.30 -47.28 3.47
C ASN C 75 -11.59 -48.57 3.84
N ILE C 76 -10.26 -48.50 3.76
CA ILE C 76 -9.30 -49.59 4.10
C ILE C 76 -8.70 -49.36 5.50
N PHE C 77 -8.57 -48.08 5.83
CA PHE C 77 -7.89 -47.68 7.06
C PHE C 77 -8.75 -46.66 7.76
N ARG C 78 -8.63 -46.61 9.08
CA ARG C 78 -9.26 -45.50 9.82
C ARG C 78 -8.21 -44.98 10.83
N PHE C 79 -8.05 -43.66 10.96
CA PHE C 79 -7.01 -43.21 11.90
C PHE C 79 -7.34 -43.66 13.32
N ASN C 80 -6.29 -43.94 14.11
CA ASN C 80 -6.43 -44.48 15.43
C ASN C 80 -5.51 -43.68 16.38
N TYR C 81 -5.76 -42.39 16.54
CA TYR C 81 -5.05 -41.56 17.51
C TYR C 81 -5.14 -42.21 18.90
N SER C 82 -3.96 -42.33 19.56
CA SER C 82 -3.96 -42.86 20.93
C SER C 82 -4.47 -41.91 21.97
N ALA C 83 -4.90 -42.47 23.08
CA ALA C 83 -5.29 -41.68 24.24
C ALA C 83 -4.21 -40.68 24.66
N GLU C 84 -2.96 -41.12 24.67
CA GLU C 84 -1.82 -40.28 25.06
C GLU C 84 -1.62 -39.18 24.03
N PHE C 85 -1.75 -39.53 22.74
CA PHE C 85 -1.72 -38.49 21.69
C PHE C 85 -2.78 -37.42 21.88
N LEU C 86 -3.97 -37.85 22.20
CA LEU C 86 -5.10 -36.89 22.41
C LEU C 86 -4.84 -35.97 23.57
N LEU C 87 -4.18 -36.50 24.63
CA LEU C 87 -3.78 -35.68 25.76
C LEU C 87 -2.81 -34.60 25.31
N TRP C 88 -1.80 -35.01 24.55
CA TRP C 88 -0.76 -34.06 24.05
C TRP C 88 -1.39 -33.01 23.09
N ALA C 89 -2.29 -33.47 22.21
CA ALA C 89 -2.78 -32.62 21.15
C ALA C 89 -3.70 -31.51 21.73
N LEU C 90 -4.37 -31.81 22.85
CA LEU C 90 -5.43 -30.94 23.37
C LEU C 90 -5.07 -30.13 24.59
N THR C 91 -3.90 -30.35 25.21
CA THR C 91 -3.56 -29.65 26.44
C THR C 91 -2.31 -28.79 26.26
N SER C 92 -2.16 -28.24 25.06
CA SER C 92 -1.11 -27.29 24.75
C SER C 92 -1.24 -26.01 25.59
N PRO C 93 -0.21 -25.17 25.61
CA PRO C 93 -0.23 -24.03 26.52
C PRO C 93 -1.41 -23.10 26.32
N ASN C 94 -1.93 -22.65 27.46
CA ASN C 94 -3.17 -21.84 27.56
C ASN C 94 -4.39 -22.39 26.87
N TYR C 95 -4.47 -23.71 26.76
CA TYR C 95 -5.66 -24.34 26.22
C TYR C 95 -6.86 -23.97 27.07
N LEU C 96 -8.04 -24.09 26.46
CA LEU C 96 -9.34 -23.81 27.11
C LEU C 96 -10.13 -25.08 27.21
N LYS C 97 -10.52 -25.42 28.45
CA LYS C 97 -11.36 -26.58 28.72
C LYS C 97 -12.76 -26.45 28.04
N THR C 98 -13.18 -25.22 27.78
CA THR C 98 -14.46 -25.00 27.14
C THR C 98 -14.46 -25.36 25.64
N TRP C 99 -13.27 -25.53 25.06
CA TRP C 99 -13.10 -25.83 23.64
C TRP C 99 -12.89 -27.33 23.42
N HIS C 100 -13.14 -28.20 24.40
CA HIS C 100 -13.14 -29.63 24.24
C HIS C 100 -14.58 -30.12 24.43
N ILE C 101 -15.28 -30.30 23.31
CA ILE C 101 -16.77 -30.40 23.33
C ILE C 101 -17.25 -31.72 22.93
N GLY C 102 -17.95 -32.38 23.83
CA GLY C 102 -18.57 -33.66 23.53
C GLY C 102 -20.13 -33.48 23.38
N VAL C 103 -20.72 -34.42 22.65
CA VAL C 103 -22.16 -34.59 22.64
C VAL C 103 -22.44 -36.01 23.09
N LYS C 104 -23.37 -36.11 24.04
CA LYS C 104 -23.74 -37.44 24.57
C LYS C 104 -25.14 -37.80 24.16
N TYR C 105 -25.40 -39.10 24.02
CA TYR C 105 -26.77 -39.58 23.98
C TYR C 105 -27.29 -39.90 25.34
N ASP C 106 -28.37 -39.22 25.77
CA ASP C 106 -28.87 -39.38 27.15
C ASP C 106 -29.27 -40.83 27.49
N ALA C 107 -29.69 -41.56 26.48
CA ALA C 107 -30.14 -42.94 26.68
C ALA C 107 -29.02 -43.87 27.09
N SER C 108 -27.80 -43.59 26.59
CA SER C 108 -26.67 -44.50 26.81
C SER C 108 -25.58 -43.90 27.69
N ASN C 109 -25.57 -42.58 27.77
CA ASN C 109 -24.55 -41.85 28.46
C ASN C 109 -23.21 -41.99 27.75
N LYS C 110 -23.23 -42.26 26.44
CA LYS C 110 -21.99 -42.37 25.67
C LYS C 110 -21.83 -41.20 24.70
N LEU C 111 -20.58 -40.94 24.38
CA LEU C 111 -20.32 -39.88 23.42
C LEU C 111 -20.69 -40.29 22.03
N ILE C 112 -21.39 -39.44 21.31
CA ILE C 112 -21.63 -39.71 19.91
C ILE C 112 -21.13 -38.60 19.02
N GLY C 113 -20.63 -37.51 19.63
CA GLY C 113 -20.07 -36.42 18.85
C GLY C 113 -18.89 -35.76 19.59
N PHE C 114 -18.01 -35.10 18.85
CA PHE C 114 -16.86 -34.38 19.47
C PHE C 114 -16.34 -33.34 18.54
N ILE C 115 -15.83 -32.26 19.10
CA ILE C 115 -15.09 -31.28 18.35
C ILE C 115 -14.15 -30.60 19.30
N SER C 116 -13.00 -30.14 18.82
CA SER C 116 -12.08 -29.47 19.74
C SER C 116 -11.33 -28.34 19.06
N ALA C 117 -10.72 -27.49 19.88
CA ALA C 117 -9.84 -26.48 19.36
C ALA C 117 -8.83 -26.15 20.42
N ILE C 118 -7.68 -25.63 19.95
CA ILE C 118 -6.61 -25.10 20.82
C ILE C 118 -6.23 -23.71 20.29
N PRO C 119 -5.85 -22.81 21.18
CA PRO C 119 -5.41 -21.47 20.74
C PRO C 119 -3.97 -21.45 20.19
N THR C 120 -3.71 -20.69 19.13
CA THR C 120 -2.37 -20.54 18.63
C THR C 120 -2.31 -19.23 17.85
N ASP C 121 -1.11 -18.67 17.76
CA ASP C 121 -0.93 -17.43 17.01
C ASP C 121 -0.53 -17.90 15.63
N ILE C 122 -1.24 -17.43 14.60
CA ILE C 122 -0.97 -17.84 13.22
C ILE C 122 -0.54 -16.67 12.41
N CYS C 123 0.60 -16.77 11.74
CA CYS C 123 1.01 -15.72 10.83
C CYS C 123 0.49 -16.07 9.43
N ILE C 124 -0.39 -15.22 8.88
CA ILE C 124 -0.84 -15.44 7.52
C ILE C 124 -0.43 -14.20 6.72
N HIS C 125 0.31 -14.46 5.65
CA HIS C 125 0.79 -13.40 4.79
C HIS C 125 1.41 -12.21 5.60
N LYS C 126 2.26 -12.53 6.57
CA LYS C 126 2.96 -11.56 7.40
C LYS C 126 2.11 -10.83 8.45
N ARG C 127 0.82 -11.16 8.57
CA ARG C 127 0.00 -10.71 9.69
C ARG C 127 -0.22 -11.79 10.75
N THR C 128 0.12 -11.50 12.00
CA THR C 128 -0.08 -12.50 13.09
C THR C 128 -1.38 -12.29 13.84
N ILE C 129 -2.18 -13.36 13.84
CA ILE C 129 -3.53 -13.28 14.36
C ILE C 129 -3.66 -14.40 15.42
N LYS C 130 -4.31 -14.09 16.51
CA LYS C 130 -4.78 -15.10 17.47
CA LYS C 130 -4.75 -15.12 17.45
C LYS C 130 -5.90 -15.94 16.86
N MET C 131 -5.65 -17.27 16.70
CA MET C 131 -6.61 -18.15 16.11
C MET C 131 -6.93 -19.32 16.98
N ALA C 132 -8.04 -19.97 16.68
CA ALA C 132 -8.29 -21.34 17.11
C ALA C 132 -7.85 -22.37 16.05
N GLU C 133 -7.26 -23.48 16.46
CA GLU C 133 -6.84 -24.58 15.57
C GLU C 133 -7.84 -25.73 15.86
N VAL C 134 -8.75 -25.99 14.93
CA VAL C 134 -9.88 -26.91 15.17
C VAL C 134 -9.58 -28.26 14.64
N ASN C 135 -9.86 -29.29 15.42
CA ASN C 135 -9.51 -30.68 15.04
C ASN C 135 -10.47 -31.63 15.70
N PHE C 136 -10.41 -32.89 15.24
CA PHE C 136 -11.19 -33.98 15.83
C PHE C 136 -12.71 -33.86 15.77
N LEU C 137 -13.22 -33.13 14.77
CA LEU C 137 -14.68 -33.16 14.54
C LEU C 137 -15.11 -34.56 14.15
N CYS C 138 -16.07 -35.10 14.91
CA CYS C 138 -16.54 -36.42 14.68
C CYS C 138 -17.94 -36.63 15.09
N VAL C 139 -18.65 -37.23 14.19
CA VAL C 139 -20.02 -37.69 14.52
C VAL C 139 -20.10 -39.20 14.35
N HIS C 140 -20.76 -39.86 15.30
CA HIS C 140 -20.89 -41.34 15.26
C HIS C 140 -21.44 -41.79 13.90
N LYS C 141 -20.96 -42.93 13.39
CA LYS C 141 -21.37 -43.43 12.06
C LYS C 141 -22.88 -43.61 11.93
N THR C 142 -23.55 -43.87 13.03
CA THR C 142 -25.00 -44.14 12.97
C THR C 142 -25.84 -42.85 12.93
N LEU C 143 -25.21 -41.69 13.08
CA LEU C 143 -25.88 -40.39 13.09
C LEU C 143 -25.44 -39.43 11.99
N ARG C 144 -24.89 -40.00 10.89
CA ARG C 144 -24.40 -39.20 9.78
C ARG C 144 -25.53 -38.59 8.93
N SER C 145 -25.23 -37.47 8.24
CA SER C 145 -26.13 -36.74 7.36
C SER C 145 -27.40 -36.34 8.05
N LYS C 146 -27.25 -36.04 9.32
CA LYS C 146 -28.35 -35.49 10.13
C LYS C 146 -28.16 -33.99 10.50
N ARG C 147 -27.19 -33.32 9.87
CA ARG C 147 -26.88 -31.88 10.13
C ARG C 147 -26.36 -31.63 11.57
N LEU C 148 -25.79 -32.64 12.19
CA LEU C 148 -25.17 -32.45 13.50
C LEU C 148 -23.83 -31.71 13.42
N ALA C 149 -23.08 -31.93 12.34
CA ALA C 149 -21.76 -31.25 12.24
C ALA C 149 -21.87 -29.70 12.28
N PRO C 150 -22.85 -29.12 11.55
CA PRO C 150 -22.99 -27.64 11.69
C PRO C 150 -23.28 -27.18 13.11
N VAL C 151 -23.96 -28.00 13.89
CA VAL C 151 -24.29 -27.65 15.29
C VAL C 151 -22.98 -27.59 16.08
N LEU C 152 -22.15 -28.66 15.97
CA LEU C 152 -20.89 -28.69 16.63
C LEU C 152 -20.03 -27.49 16.21
N ILE C 153 -20.01 -27.14 14.91
CA ILE C 153 -19.17 -26.10 14.39
C ILE C 153 -19.59 -24.74 14.95
N LYS C 154 -20.91 -24.51 14.90
CA LYS C 154 -21.50 -23.27 15.44
C LYS C 154 -21.27 -23.16 16.95
N GLU C 155 -21.40 -24.28 17.69
CA GLU C 155 -21.18 -24.22 19.15
C GLU C 155 -19.70 -23.91 19.48
N ILE C 156 -18.75 -24.53 18.73
CA ILE C 156 -17.36 -24.21 19.08
C ILE C 156 -17.04 -22.79 18.63
N THR C 157 -17.62 -22.33 17.53
CA THR C 157 -17.40 -20.96 17.12
C THR C 157 -17.88 -19.99 18.19
N ARG C 158 -19.04 -20.27 18.77
CA ARG C 158 -19.51 -19.43 19.83
C ARG C 158 -18.53 -19.36 21.01
N ARG C 159 -18.08 -20.53 21.50
CA ARG C 159 -17.16 -20.57 22.65
C ARG C 159 -15.79 -19.91 22.34
N ILE C 160 -15.34 -20.01 21.08
CA ILE C 160 -14.06 -19.38 20.70
C ILE C 160 -14.31 -17.84 20.68
N ASN C 161 -15.46 -17.42 20.15
CA ASN C 161 -15.78 -15.96 20.15
C ASN C 161 -15.86 -15.34 21.55
N LEU C 162 -16.16 -16.16 22.57
CA LEU C 162 -16.20 -15.66 23.97
C LEU C 162 -14.79 -15.37 24.52
N GLU C 163 -13.76 -15.88 23.80
CA GLU C 163 -12.33 -15.56 24.05
C GLU C 163 -11.85 -14.40 23.23
N ASN C 164 -12.80 -13.70 22.56
CA ASN C 164 -12.44 -12.55 21.70
C ASN C 164 -11.48 -13.00 20.55
N ILE C 165 -11.73 -14.24 20.05
CA ILE C 165 -10.99 -14.81 18.92
C ILE C 165 -11.98 -15.03 17.82
N TRP C 166 -11.65 -14.59 16.62
CA TRP C 166 -12.64 -14.53 15.51
C TRP C 166 -12.16 -15.21 14.23
N GLN C 167 -10.97 -15.82 14.28
CA GLN C 167 -10.44 -16.59 13.15
C GLN C 167 -10.08 -17.98 13.64
N ALA C 168 -10.02 -18.90 12.68
CA ALA C 168 -9.55 -20.24 12.97
C ALA C 168 -8.80 -20.84 11.77
N ILE C 169 -8.03 -21.88 12.08
CA ILE C 169 -7.41 -22.64 11.02
C ILE C 169 -7.86 -24.07 11.18
N TYR C 170 -7.97 -24.76 10.06
CA TYR C 170 -8.34 -26.20 10.10
C TYR C 170 -7.96 -26.83 8.77
N THR C 171 -7.75 -28.15 8.79
CA THR C 171 -7.48 -28.92 7.59
C THR C 171 -8.61 -29.93 7.35
N ALA C 172 -8.72 -30.44 6.15
CA ALA C 172 -9.64 -31.53 5.87
C ALA C 172 -9.27 -32.16 4.53
N GLY C 173 -9.47 -33.46 4.42
CA GLY C 173 -9.44 -34.15 3.11
C GLY C 173 -10.52 -33.74 2.16
N VAL C 174 -11.68 -33.34 2.68
CA VAL C 174 -12.81 -32.93 1.82
C VAL C 174 -12.69 -31.51 1.34
N TYR C 175 -13.16 -31.33 0.11
CA TYR C 175 -13.17 -30.05 -0.56
C TYR C 175 -14.34 -29.21 -0.08
N LEU C 176 -14.03 -28.08 0.54
CA LEU C 176 -15.02 -27.15 1.13
C LEU C 176 -14.74 -25.73 0.66
N PRO C 177 -15.68 -24.78 0.88
CA PRO C 177 -15.35 -23.39 0.56
C PRO C 177 -14.40 -22.79 1.61
N LYS C 178 -13.15 -22.35 1.29
CA LYS C 178 -12.41 -22.60 0.03
C LYS C 178 -10.97 -22.77 0.56
N PRO C 179 -10.24 -23.78 0.06
CA PRO C 179 -8.87 -23.85 0.58
C PRO C 179 -8.02 -22.62 0.33
N VAL C 180 -7.18 -22.30 1.30
CA VAL C 180 -6.04 -21.39 1.04
C VAL C 180 -4.87 -22.10 0.44
N SER C 181 -4.74 -23.39 0.70
CA SER C 181 -3.75 -24.21 0.03
C SER C 181 -4.22 -25.64 0.02
N ASP C 182 -3.57 -26.43 -0.83
CA ASP C 182 -3.88 -27.84 -1.00
C ASP C 182 -2.55 -28.54 -1.07
N ALA C 183 -2.40 -29.50 -0.16
CA ALA C 183 -1.20 -30.32 -0.11
C ALA C 183 -1.42 -31.79 -0.25
N ARG C 184 -0.89 -32.34 -1.33
CA ARG C 184 -0.84 -33.79 -1.54
C ARG C 184 0.02 -34.46 -0.49
N TYR C 185 -0.36 -35.68 -0.05
CA TYR C 185 0.56 -36.45 0.78
C TYR C 185 1.24 -37.58 0.03
N TYR C 186 2.41 -37.93 0.54
CA TYR C 186 3.37 -38.87 -0.08
C TYR C 186 3.85 -39.79 1.02
N HIS C 187 4.21 -41.02 0.65
CA HIS C 187 4.54 -42.05 1.63
C HIS C 187 5.79 -42.72 1.30
N ARG C 188 6.67 -42.88 2.29
CA ARG C 188 7.91 -43.65 2.07
C ARG C 188 7.79 -44.99 2.81
N SER C 189 7.70 -46.10 2.05
CA SER C 189 7.41 -47.40 2.63
C SER C 189 8.62 -47.87 3.41
N ILE C 190 8.43 -48.38 4.62
CA ILE C 190 9.53 -48.93 5.43
C ILE C 190 9.43 -50.47 5.59
N ASN C 191 8.29 -50.95 6.08
CA ASN C 191 8.06 -52.39 6.20
CA ASN C 191 8.06 -52.38 6.22
C ASN C 191 7.28 -52.80 4.98
N VAL C 192 8.02 -52.96 3.86
CA VAL C 192 7.49 -53.18 2.56
C VAL C 192 6.50 -54.34 2.47
N LYS C 193 6.90 -55.49 3.02
CA LYS C 193 6.09 -56.73 2.97
C LYS C 193 4.65 -56.42 3.48
N LYS C 194 4.62 -55.71 4.60
CA LYS C 194 3.34 -55.45 5.29
C LYS C 194 2.46 -54.45 4.49
N LEU C 195 3.03 -53.36 4.01
CA LEU C 195 2.32 -52.38 3.20
C LEU C 195 1.71 -53.03 1.96
N ILE C 196 2.50 -53.91 1.32
CA ILE C 196 1.98 -54.68 0.20
C ILE C 196 0.80 -55.59 0.62
N GLU C 197 0.98 -56.42 1.66
CA GLU C 197 -0.10 -57.31 2.18
C GLU C 197 -1.42 -56.55 2.43
N ILE C 198 -1.34 -55.36 3.03
CA ILE C 198 -2.57 -54.67 3.44
C ILE C 198 -3.19 -53.70 2.46
N GLY C 199 -2.63 -53.57 1.25
CA GLY C 199 -3.18 -52.67 0.22
C GLY C 199 -2.94 -51.17 0.42
N PHE C 200 -1.81 -50.80 1.00
CA PHE C 200 -1.47 -49.37 1.18
C PHE C 200 -1.02 -48.76 -0.16
N VAL C 218 17.56 -49.83 3.26
CA VAL C 218 18.05 -48.66 4.03
C VAL C 218 19.33 -48.89 4.86
N GLU C 219 20.29 -47.99 4.70
CA GLU C 219 21.54 -48.15 5.49
C GLU C 219 21.33 -47.58 6.93
N ASP C 220 21.74 -48.33 7.95
CA ASP C 220 21.43 -47.97 9.35
C ASP C 220 22.49 -47.04 9.87
N THR C 221 22.86 -46.02 9.12
CA THR C 221 23.84 -44.99 9.54
C THR C 221 23.31 -43.60 9.19
N LEU C 222 23.33 -42.72 10.20
CA LEU C 222 22.87 -41.36 10.05
C LEU C 222 23.82 -40.53 9.19
N ASN C 223 23.28 -39.76 8.24
CA ASN C 223 24.10 -38.71 7.61
C ASN C 223 24.59 -37.64 8.58
N ILE C 224 23.79 -37.31 9.61
CA ILE C 224 24.14 -36.28 10.59
C ILE C 224 24.39 -37.10 11.87
N LYS C 225 25.67 -37.43 12.12
CA LYS C 225 26.01 -38.50 13.06
C LYS C 225 25.49 -38.27 14.46
N ASN C 226 25.44 -37.02 14.87
CA ASN C 226 25.16 -36.68 16.30
C ASN C 226 23.68 -36.40 16.59
N MET C 227 22.83 -36.63 15.60
CA MET C 227 21.41 -36.41 15.72
C MET C 227 20.89 -37.20 16.90
N ARG C 228 20.22 -36.55 17.83
CA ARG C 228 19.85 -37.25 19.06
C ARG C 228 18.49 -36.76 19.63
N LEU C 229 17.81 -37.58 20.43
CA LEU C 229 16.61 -37.10 21.08
C LEU C 229 16.72 -35.75 21.74
N MET C 230 15.69 -34.91 21.51
CA MET C 230 15.61 -33.60 22.15
C MET C 230 15.44 -33.74 23.68
N LYS C 231 16.21 -32.87 24.37
CA LYS C 231 16.13 -32.80 25.83
C LYS C 231 15.69 -31.43 26.21
N LYS C 232 15.26 -31.29 27.48
CA LYS C 232 14.76 -29.98 27.94
C LYS C 232 15.77 -28.88 27.72
N LYS C 233 17.08 -29.18 27.94
CA LYS C 233 18.08 -28.12 27.69
C LYS C 233 18.11 -27.56 26.24
N ASP C 234 17.53 -28.30 25.30
CA ASP C 234 17.50 -27.88 23.88
C ASP C 234 16.35 -26.93 23.45
N VAL C 235 15.40 -26.62 24.36
CA VAL C 235 14.18 -25.89 23.99
C VAL C 235 14.59 -24.55 23.39
N GLU C 236 15.38 -23.75 24.10
CA GLU C 236 15.80 -22.43 23.56
CA GLU C 236 15.78 -22.45 23.57
C GLU C 236 16.40 -22.51 22.16
N GLY C 237 17.27 -23.51 21.94
CA GLY C 237 17.88 -23.64 20.65
C GLY C 237 16.86 -24.05 19.56
N VAL C 238 16.01 -25.02 19.84
CA VAL C 238 14.91 -25.31 18.88
C VAL C 238 13.97 -24.15 18.60
N HIS C 239 13.62 -23.43 19.64
CA HIS C 239 12.84 -22.19 19.49
C HIS C 239 13.57 -21.23 18.53
N LYS C 240 14.86 -20.98 18.73
CA LYS C 240 15.60 -20.11 17.81
C LYS C 240 15.68 -20.59 16.35
N LEU C 241 16.01 -21.87 16.18
CA LEU C 241 16.16 -22.48 14.87
C LEU C 241 14.83 -22.59 14.08
N LEU C 242 13.80 -23.16 14.71
CA LEU C 242 12.52 -23.27 14.06
C LEU C 242 11.87 -21.92 13.88
N GLY C 243 11.91 -21.05 14.89
CA GLY C 243 11.28 -19.75 14.81
C GLY C 243 11.78 -18.94 13.64
N SER C 244 13.09 -18.92 13.46
CA SER C 244 13.71 -18.21 12.33
CA SER C 244 13.73 -18.23 12.33
C SER C 244 13.36 -18.88 11.01
N TYR C 245 13.39 -20.21 10.96
CA TYR C 245 13.09 -20.94 9.73
C TYR C 245 11.67 -20.68 9.24
N LEU C 246 10.73 -20.67 10.17
CA LEU C 246 9.32 -20.56 9.73
C LEU C 246 8.93 -19.22 9.09
N GLU C 247 9.66 -18.16 9.42
CA GLU C 247 9.39 -16.79 9.00
C GLU C 247 9.27 -16.62 7.47
N GLN C 248 9.85 -17.54 6.73
CA GLN C 248 9.86 -17.45 5.27
C GLN C 248 8.49 -17.82 4.68
N PHE C 249 7.65 -18.51 5.44
CA PHE C 249 6.44 -19.05 4.82
C PHE C 249 5.22 -18.11 4.92
N ASN C 250 4.21 -18.38 4.08
CA ASN C 250 3.02 -17.57 4.01
CA ASN C 250 3.02 -17.56 3.99
C ASN C 250 2.01 -17.92 5.09
N LEU C 251 2.21 -19.11 5.70
CA LEU C 251 1.28 -19.56 6.77
C LEU C 251 2.03 -20.42 7.75
N TYR C 252 2.19 -19.95 8.96
CA TYR C 252 2.90 -20.71 9.99
C TYR C 252 2.36 -20.25 11.38
N ALA C 253 2.62 -21.10 12.37
CA ALA C 253 2.38 -20.80 13.79
C ALA C 253 3.62 -20.10 14.34
N VAL C 254 3.34 -19.08 15.14
CA VAL C 254 4.37 -18.30 15.81
C VAL C 254 4.54 -18.92 17.21
N PHE C 255 5.54 -19.80 17.37
CA PHE C 255 5.73 -20.54 18.61
C PHE C 255 6.42 -19.74 19.69
N THR C 256 5.88 -19.76 20.88
CA THR C 256 6.58 -19.26 22.06
C THR C 256 7.42 -20.37 22.63
N LYS C 257 8.31 -20.02 23.55
CA LYS C 257 9.17 -21.06 24.18
C LYS C 257 8.40 -22.21 24.81
N GLU C 258 7.35 -21.87 25.59
CA GLU C 258 6.50 -22.85 26.22
CA GLU C 258 6.52 -22.89 26.22
C GLU C 258 5.86 -23.78 25.17
N GLU C 259 5.52 -23.20 24.06
CA GLU C 259 4.90 -23.99 22.98
C GLU C 259 5.94 -24.91 22.33
N ILE C 260 7.17 -24.44 22.18
CA ILE C 260 8.18 -25.35 21.65
C ILE C 260 8.39 -26.53 22.64
N ALA C 261 8.42 -26.24 23.95
CA ALA C 261 8.57 -27.33 24.89
C ALA C 261 7.46 -28.37 24.77
N HIS C 262 6.22 -27.86 24.67
CA HIS C 262 5.08 -28.76 24.54
C HIS C 262 5.09 -29.56 23.22
N TRP C 263 5.32 -28.86 22.11
CA TRP C 263 5.07 -29.53 20.82
C TRP C 263 6.22 -30.43 20.39
N PHE C 264 7.38 -30.27 21.03
CA PHE C 264 8.59 -30.98 20.56
C PHE C 264 9.29 -31.86 21.55
N LEU C 265 9.16 -31.61 22.85
CA LEU C 265 9.86 -32.51 23.77
C LEU C 265 9.29 -33.95 23.61
N PRO C 266 10.16 -34.96 23.45
CA PRO C 266 9.60 -36.25 23.09
C PRO C 266 8.76 -36.94 24.08
N ILE C 267 7.77 -37.65 23.54
CA ILE C 267 6.83 -38.46 24.34
C ILE C 267 6.71 -39.74 23.51
N GLU C 268 7.14 -40.87 24.08
CA GLU C 268 7.11 -42.13 23.32
C GLU C 268 5.75 -42.43 22.68
N ASN C 269 5.72 -42.86 21.44
CA ASN C 269 4.49 -43.19 20.72
C ASN C 269 3.57 -42.00 20.50
N VAL C 270 4.11 -40.79 20.60
CA VAL C 270 3.33 -39.56 20.36
C VAL C 270 4.21 -38.65 19.47
N ILE C 271 5.29 -38.15 20.01
CA ILE C 271 6.03 -37.13 19.28
C ILE C 271 7.54 -37.42 19.43
N TYR C 272 8.24 -37.42 18.29
CA TYR C 272 9.70 -37.72 18.28
C TYR C 272 10.41 -36.50 17.74
N THR C 273 11.44 -36.00 18.44
CA THR C 273 12.18 -34.83 17.95
C THR C 273 13.63 -35.09 18.24
N TYR C 274 14.42 -34.91 17.21
CA TYR C 274 15.85 -35.14 17.26
CA TYR C 274 15.87 -35.13 17.26
C TYR C 274 16.56 -33.87 16.87
N VAL C 275 17.67 -33.62 17.53
CA VAL C 275 18.44 -32.41 17.31
C VAL C 275 19.92 -32.74 17.06
N ASN C 276 20.58 -31.85 16.32
CA ASN C 276 22.05 -31.85 16.14
C ASN C 276 22.62 -30.61 16.79
N GLU C 277 23.40 -30.84 17.85
CA GLU C 277 23.97 -29.78 18.66
C GLU C 277 25.45 -29.69 18.29
N GLU C 278 25.83 -28.53 17.78
CA GLU C 278 27.21 -28.34 17.39
CA GLU C 278 27.19 -28.32 17.30
C GLU C 278 27.74 -27.05 17.98
N ASN C 279 28.71 -27.23 18.88
CA ASN C 279 29.36 -26.10 19.56
C ASN C 279 28.39 -25.25 20.42
N GLY C 280 27.52 -25.91 21.20
CA GLY C 280 26.57 -25.22 22.08
C GLY C 280 25.27 -24.84 21.41
N LYS C 281 25.24 -24.97 20.09
CA LYS C 281 24.05 -24.48 19.37
C LYS C 281 23.24 -25.59 18.65
N ILE C 282 21.92 -25.43 18.61
CA ILE C 282 21.13 -26.38 17.81
C ILE C 282 21.08 -25.97 16.34
N LYS C 283 21.66 -26.84 15.50
CA LYS C 283 21.83 -26.53 14.10
C LYS C 283 20.93 -27.28 13.11
N ASP C 284 20.30 -28.35 13.56
CA ASP C 284 19.44 -29.17 12.67
C ASP C 284 18.43 -29.82 13.60
N MET C 285 17.23 -30.06 13.11
CA MET C 285 16.19 -30.80 13.83
C MET C 285 15.36 -31.63 12.89
N ILE C 286 14.92 -32.73 13.47
CA ILE C 286 13.93 -33.60 12.78
C ILE C 286 12.75 -33.84 13.75
N SER C 287 11.52 -33.85 13.22
CA SER C 287 10.41 -34.25 14.08
C SER C 287 9.37 -34.95 13.32
N PHE C 288 8.72 -35.92 14.01
CA PHE C 288 7.59 -36.63 13.41
C PHE C 288 6.69 -37.14 14.53
N TYR C 289 5.40 -37.20 14.26
CA TYR C 289 4.45 -37.68 15.26
C TYR C 289 3.97 -39.07 14.87
N SER C 290 3.40 -39.78 15.82
CA SER C 290 2.91 -41.14 15.62
C SER C 290 1.42 -41.22 15.55
N LEU C 291 0.89 -41.72 14.47
CA LEU C 291 -0.51 -41.77 14.21
C LEU C 291 -0.83 -43.09 13.55
N PRO C 292 -1.19 -44.08 14.39
CA PRO C 292 -1.53 -45.35 13.76
C PRO C 292 -2.86 -45.25 13.02
N SER C 293 -3.03 -46.20 12.08
CA SER C 293 -4.34 -46.47 11.49
C SER C 293 -4.76 -47.91 11.83
N GLN C 294 -6.03 -48.09 12.17
CA GLN C 294 -6.61 -49.41 12.22
C GLN C 294 -6.80 -49.91 10.78
N ILE C 295 -6.53 -51.20 10.56
CA ILE C 295 -6.59 -51.73 9.20
C ILE C 295 -7.93 -52.48 9.11
N LEU C 296 -8.82 -52.01 8.25
CA LEU C 296 -10.28 -52.34 8.42
C LEU C 296 -10.60 -53.67 7.71
N GLY C 297 -11.16 -54.63 8.44
CA GLY C 297 -11.53 -55.91 7.80
C GLY C 297 -10.34 -56.72 7.35
N ASN C 298 -9.21 -56.53 8.02
CA ASN C 298 -8.05 -57.34 7.80
C ASN C 298 -7.73 -58.12 9.04
N ASP C 299 -7.77 -59.44 8.86
CA ASP C 299 -7.75 -60.41 9.94
C ASP C 299 -6.35 -60.93 10.23
N LYS C 300 -5.34 -60.42 9.49
CA LYS C 300 -3.91 -60.83 9.62
C LYS C 300 -3.04 -59.73 10.23
N TYR C 301 -3.38 -58.47 9.93
CA TYR C 301 -2.78 -57.28 10.58
C TYR C 301 -3.88 -56.38 11.12
N SER C 302 -3.65 -55.81 12.28
CA SER C 302 -4.68 -54.92 12.87
C SER C 302 -4.37 -53.41 12.86
N THR C 303 -3.11 -53.02 12.99
CA THR C 303 -2.71 -51.61 13.01
C THR C 303 -1.56 -51.34 12.01
N LEU C 304 -1.65 -50.21 11.33
CA LEU C 304 -0.52 -49.69 10.60
C LEU C 304 0.20 -48.67 11.53
N ASN C 305 1.48 -48.87 11.81
CA ASN C 305 2.24 -47.94 12.63
CA ASN C 305 2.22 -47.96 12.69
C ASN C 305 2.93 -46.97 11.76
N ALA C 306 2.56 -45.69 11.86
CA ALA C 306 2.92 -44.67 10.88
C ALA C 306 3.47 -43.40 11.51
N ALA C 307 4.57 -42.91 10.96
CA ALA C 307 5.12 -41.65 11.37
C ALA C 307 4.81 -40.59 10.36
N TYR C 308 4.55 -39.43 10.89
CA TYR C 308 4.11 -38.28 10.10
C TYR C 308 5.08 -37.17 10.28
N SER C 309 5.73 -36.81 9.18
CA SER C 309 6.63 -35.69 9.16
C SER C 309 6.00 -34.39 9.71
N PHE C 310 6.71 -33.77 10.64
CA PHE C 310 6.19 -32.59 11.37
C PHE C 310 7.09 -31.41 10.91
N TYR C 311 8.11 -31.03 11.67
CA TYR C 311 9.00 -29.91 11.32
C TYR C 311 10.44 -30.43 11.26
N ASN C 312 11.05 -30.16 10.09
CA ASN C 312 12.49 -30.50 9.85
C ASN C 312 13.23 -29.29 9.31
N VAL C 313 14.42 -29.04 9.90
CA VAL C 313 15.27 -27.93 9.50
C VAL C 313 16.71 -28.37 9.52
N THR C 314 17.43 -28.00 8.47
CA THR C 314 18.86 -28.27 8.45
C THR C 314 19.64 -27.03 8.04
N THR C 315 20.65 -26.74 8.85
CA THR C 315 21.68 -25.76 8.43
C THR C 315 23.08 -26.35 8.28
N THR C 316 23.28 -27.65 8.51
CA THR C 316 24.62 -28.24 8.29
C THR C 316 24.58 -29.34 7.23
N ALA C 317 23.41 -29.62 6.67
CA ALA C 317 23.30 -30.69 5.69
C ALA C 317 22.33 -30.29 4.58
N THR C 318 22.19 -31.17 3.61
CA THR C 318 21.22 -30.87 2.58
C THR C 318 19.87 -31.31 3.16
N PHE C 319 18.79 -30.75 2.65
CA PHE C 319 17.51 -31.20 3.10
C PHE C 319 17.32 -32.69 2.82
N LYS C 320 17.83 -33.17 1.68
CA LYS C 320 17.67 -34.55 1.29
C LYS C 320 18.34 -35.50 2.32
N GLN C 321 19.54 -35.12 2.77
CA GLN C 321 20.28 -35.85 3.81
C GLN C 321 19.51 -35.87 5.16
N LEU C 322 19.00 -34.72 5.54
CA LEU C 322 18.21 -34.58 6.77
C LEU C 322 16.95 -35.50 6.68
N MET C 323 16.20 -35.44 5.57
CA MET C 323 14.97 -36.28 5.52
C MET C 323 15.30 -37.76 5.38
N GLN C 324 16.47 -38.04 4.77
CA GLN C 324 16.89 -39.44 4.74
C GLN C 324 17.07 -39.90 6.18
N ASP C 325 17.75 -39.07 6.99
CA ASP C 325 17.92 -39.36 8.43
C ASP C 325 16.58 -39.44 9.21
N ALA C 326 15.59 -38.64 8.80
CA ALA C 326 14.24 -38.73 9.39
C ALA C 326 13.65 -40.15 9.11
N ILE C 327 13.78 -40.63 7.86
CA ILE C 327 13.24 -41.95 7.53
C ILE C 327 13.94 -43.04 8.31
N LEU C 328 15.28 -42.93 8.46
CA LEU C 328 16.05 -43.92 9.23
C LEU C 328 15.63 -43.87 10.75
N LEU C 329 15.46 -42.69 11.31
CA LEU C 329 14.97 -42.59 12.71
C LEU C 329 13.56 -43.19 12.86
N ALA C 330 12.70 -42.99 11.87
CA ALA C 330 11.36 -43.62 11.94
C ALA C 330 11.53 -45.16 11.87
N LYS C 331 12.37 -45.66 10.97
CA LYS C 331 12.64 -47.10 10.91
C LYS C 331 13.21 -47.66 12.20
N ARG C 332 14.16 -46.94 12.78
CA ARG C 332 14.72 -47.39 14.05
C ARG C 332 13.68 -47.49 15.19
N ASN C 333 12.64 -46.65 15.09
CA ASN C 333 11.57 -46.57 16.12
C ASN C 333 10.33 -47.34 15.75
N ASN C 334 10.50 -48.25 14.80
CA ASN C 334 9.54 -49.34 14.58
CA ASN C 334 9.59 -49.36 14.57
C ASN C 334 8.39 -48.98 13.71
N PHE C 335 8.51 -47.88 12.99
CA PHE C 335 7.41 -47.49 12.15
C PHE C 335 7.36 -48.25 10.84
N ASP C 336 6.14 -48.47 10.30
CA ASP C 336 6.02 -49.21 9.02
C ASP C 336 6.09 -48.31 7.81
N VAL C 337 5.87 -47.03 8.01
CA VAL C 337 5.64 -46.05 6.92
C VAL C 337 5.96 -44.62 7.42
N PHE C 338 6.54 -43.79 6.56
CA PHE C 338 6.82 -42.39 6.89
C PHE C 338 6.08 -41.48 5.91
N ASN C 339 5.19 -40.61 6.42
CA ASN C 339 4.30 -39.90 5.57
C ASN C 339 4.66 -38.43 5.60
N ALA C 340 4.52 -37.73 4.49
CA ALA C 340 4.82 -36.32 4.44
C ALA C 340 3.90 -35.62 3.50
N LEU C 341 3.54 -34.40 3.85
CA LEU C 341 2.82 -33.48 2.95
C LEU C 341 3.84 -32.69 2.07
N GLU C 342 3.38 -32.27 0.91
CA GLU C 342 4.20 -31.43 0.02
C GLU C 342 4.25 -29.97 0.48
N VAL C 343 4.42 -29.79 1.76
CA VAL C 343 4.59 -28.46 2.35
C VAL C 343 6.10 -28.16 2.66
N MET C 344 6.38 -26.91 2.98
CA MET C 344 7.78 -26.45 3.23
C MET C 344 8.75 -26.94 2.11
N GLN C 345 9.83 -27.66 2.45
CA GLN C 345 10.85 -28.07 1.42
C GLN C 345 10.64 -29.48 0.97
N ASN C 346 9.53 -30.09 1.42
CA ASN C 346 9.45 -31.56 1.32
C ASN C 346 9.36 -32.07 -0.11
N LYS C 347 8.60 -31.35 -0.94
CA LYS C 347 8.40 -31.83 -2.32
C LYS C 347 9.75 -32.16 -3.05
N SER C 348 10.75 -31.32 -2.76
CA SER C 348 12.10 -31.39 -3.35
C SER C 348 12.78 -32.69 -3.14
N VAL C 349 12.40 -33.47 -2.12
CA VAL C 349 13.08 -34.71 -1.76
C VAL C 349 12.33 -35.98 -2.11
N PHE C 350 11.09 -35.84 -2.59
CA PHE C 350 10.24 -37.01 -2.69
C PHE C 350 10.74 -38.00 -3.73
N GLU C 351 11.19 -37.45 -4.88
CA GLU C 351 11.76 -38.25 -5.99
C GLU C 351 12.94 -39.06 -5.52
N ASP C 352 14.01 -38.35 -5.12
CA ASP C 352 15.24 -39.02 -4.63
C ASP C 352 15.05 -39.95 -3.47
N LEU C 353 14.11 -39.65 -2.58
CA LEU C 353 13.98 -40.52 -1.39
C LEU C 353 12.93 -41.61 -1.52
N LYS C 354 12.42 -41.82 -2.73
CA LYS C 354 11.55 -42.95 -3.09
C LYS C 354 10.21 -42.93 -2.41
N PHE C 355 9.72 -41.73 -2.17
CA PHE C 355 8.34 -41.52 -1.71
C PHE C 355 7.43 -41.83 -2.90
N GLY C 356 6.28 -42.40 -2.60
CA GLY C 356 5.23 -42.62 -3.61
C GLY C 356 4.13 -41.60 -3.35
N GLU C 357 3.59 -40.98 -4.40
CA GLU C 357 2.38 -40.13 -4.26
C GLU C 357 1.20 -40.88 -3.72
N GLY C 358 0.48 -40.28 -2.78
CA GLY C 358 -0.73 -40.90 -2.31
C GLY C 358 -1.89 -40.66 -3.27
N ASP C 359 -3.12 -40.81 -2.77
CA ASP C 359 -4.32 -40.77 -3.64
C ASP C 359 -5.20 -39.54 -3.33
N GLY C 360 -4.75 -38.65 -2.45
CA GLY C 360 -5.49 -37.44 -2.18
C GLY C 360 -4.64 -36.34 -1.57
N SER C 361 -5.32 -35.39 -0.99
CA SER C 361 -4.65 -34.19 -0.55
C SER C 361 -5.38 -33.69 0.72
N LEU C 362 -4.63 -32.92 1.51
CA LEU C 362 -5.17 -32.26 2.68
C LEU C 362 -5.33 -30.80 2.31
N LYS C 363 -6.53 -30.26 2.54
CA LYS C 363 -6.85 -28.86 2.20
C LYS C 363 -6.67 -28.04 3.49
N TYR C 364 -6.07 -26.86 3.39
CA TYR C 364 -5.91 -25.89 4.50
C TYR C 364 -6.91 -24.80 4.32
N TYR C 365 -7.61 -24.47 5.43
CA TYR C 365 -8.69 -23.50 5.48
C TYR C 365 -8.47 -22.56 6.61
N LEU C 366 -8.94 -21.32 6.40
CA LEU C 366 -9.05 -20.36 7.46
C LEU C 366 -10.51 -19.97 7.54
N TYR C 367 -10.96 -19.65 8.77
CA TYR C 367 -12.31 -19.20 8.99
C TYR C 367 -12.28 -17.70 9.24
N ASN C 368 -13.15 -16.95 8.58
CA ASN C 368 -13.22 -15.51 8.75
C ASN C 368 -11.93 -14.77 8.34
N TRP C 369 -11.38 -15.22 7.24
CA TRP C 369 -10.17 -14.58 6.74
C TRP C 369 -10.15 -14.69 5.24
N LYS C 370 -10.00 -13.55 4.63
CA LYS C 370 -9.92 -13.42 3.19
C LYS C 370 -8.44 -13.13 2.77
N CYS C 371 -7.88 -13.96 1.91
CA CYS C 371 -6.51 -13.76 1.37
C CYS C 371 -6.32 -14.59 0.12
N ALA C 372 -5.26 -14.29 -0.66
CA ALA C 372 -4.89 -15.11 -1.85
C ALA C 372 -4.54 -16.52 -1.43
N SER C 373 -5.01 -17.47 -2.21
CA SER C 373 -4.54 -18.84 -2.06
C SER C 373 -3.07 -19.00 -2.57
N PHE C 374 -2.44 -20.08 -2.16
CA PHE C 374 -1.02 -20.34 -2.45
C PHE C 374 -0.62 -21.82 -2.57
N ALA C 375 0.46 -22.01 -3.31
CA ALA C 375 1.03 -23.30 -3.48
C ALA C 375 1.53 -23.82 -2.10
N PRO C 376 1.49 -25.13 -1.93
CA PRO C 376 1.78 -25.70 -0.59
C PRO C 376 3.25 -25.62 -0.18
N ALA C 377 4.19 -25.39 -1.11
CA ALA C 377 5.55 -25.09 -0.68
C ALA C 377 5.60 -23.87 0.23
N HIS C 378 4.63 -22.98 0.11
CA HIS C 378 4.52 -21.78 0.94
C HIS C 378 3.80 -21.98 2.27
N VAL C 379 3.29 -23.21 2.48
CA VAL C 379 2.73 -23.59 3.79
C VAL C 379 3.86 -23.99 4.74
N GLY C 380 3.84 -23.42 5.93
CA GLY C 380 4.81 -23.69 6.96
C GLY C 380 4.18 -24.19 8.24
N ILE C 381 3.09 -24.94 8.17
CA ILE C 381 2.44 -25.43 9.38
C ILE C 381 1.91 -26.81 9.00
N VAL C 382 2.15 -27.74 9.92
CA VAL C 382 1.55 -29.07 9.90
C VAL C 382 0.61 -29.29 11.08
N LEU C 383 -0.65 -29.65 10.82
CA LEU C 383 -1.55 -29.94 11.93
C LEU C 383 -1.50 -31.40 12.30
N LEU C 384 -2.29 -31.73 13.34
CA LEU C 384 -2.27 -33.08 13.91
C LEU C 384 -3.33 -33.99 13.31
MG MG D . -22.55 24.43 -33.14
CL CL E . 6.05 14.56 -41.64
CL CL F . -34.30 19.65 -24.13
C 3F3 G . 0.41 18.17 -30.10
O 3F3 G . -0.94 18.32 -30.60
C1 3F3 G . -2.00 18.66 -29.81
C22 3F3 G . -3.24 18.75 -30.44
C21 3F3 G . -4.39 19.06 -29.78
C20 3F3 G . -4.38 19.33 -28.39
C3 3F3 G . -3.13 19.21 -27.71
C2 3F3 G . -1.93 18.88 -28.42
C4 3F3 G . -3.15 19.48 -26.24
C5 3F3 G . -3.58 18.22 -25.48
O1 3F3 G . -2.82 17.20 -25.04
C6 3F3 G . -3.67 16.32 -24.47
N1 3F3 G . -4.92 16.64 -24.55
N 3F3 G . -4.85 17.88 -25.21
C7 3F3 G . -3.12 15.10 -23.87
S 3F3 G . -1.46 15.02 -23.48
C19 3F3 G . -1.63 13.42 -22.96
C18 3F3 G . -0.61 12.67 -22.48
C17 3F3 G . -0.89 11.36 -22.04
C16 3F3 G . -2.17 10.83 -22.11
C15 3F3 G . -3.29 11.54 -22.55
C14 3F3 G . -3.03 12.85 -22.99
C8 3F3 G . -3.87 13.87 -23.58
O2 3F3 G . -5.22 13.68 -23.77
C9 3F3 G . -5.50 12.43 -24.47
C13 3F3 G . -6.72 11.79 -23.82
C12 3F3 G . -7.93 12.72 -23.91
N2 3F3 G . -8.20 13.04 -25.31
C11 3F3 G . -7.05 13.60 -26.04
C10 3F3 G . -5.75 12.80 -25.95
S DMS H . -11.13 2.85 -21.47
O DMS H . -11.04 3.70 -20.25
C1 DMS H . -10.19 1.46 -21.11
C2 DMS H . -10.05 3.32 -22.74
S1 NHW I . -12.91 16.81 -25.48
C2 NHW I . -12.93 17.31 -27.30
C3 NHW I . -14.21 18.03 -27.78
N4 NHW I . -14.07 18.28 -29.22
C5 NHW I . -13.34 19.29 -29.67
O5 NHW I . -12.82 20.11 -28.92
C6 NHW I . -13.13 19.29 -31.18
C7 NHW I . -13.14 20.76 -31.79
N8 NHW I . -14.31 21.47 -31.32
C9 NHW I . -15.56 21.14 -31.69
O9 NHW I . -15.76 20.22 -32.49
CP NHW I . -13.14 14.99 -25.70
C10 NHW I . -16.70 22.05 -31.16
O10 NHW I . -16.14 23.23 -30.62
C11 NHW I . -17.47 21.29 -30.05
C12 NHW I . -18.36 22.27 -29.30
C13 NHW I . -16.58 20.71 -28.89
C14 NHW I . -18.37 20.19 -30.67
N1A NHW I . -17.53 19.08 -23.84
O1A NHW I . -22.60 26.25 -29.67
P1A NHW I . -22.00 24.86 -29.44
C1M NHW I . -14.62 14.62 -25.74
O1M NHW I . -15.12 14.44 -26.88
C1X NHW I . -20.34 23.27 -24.48
C2A NHW I . -18.71 19.37 -23.34
O2A NHW I . -22.47 23.72 -30.32
P2A NHW I . -19.42 24.50 -30.53
C2M NHW I . -15.55 14.71 -24.51
C2X NHW I . -20.06 24.74 -24.26
O2X NHW I . -19.54 24.90 -22.95
N3A NHW I . -19.36 20.50 -23.57
O3A NHW I . -20.45 24.93 -29.42
C3M NHW I . -16.99 15.21 -24.83
C3X NHW I . -21.45 25.24 -24.42
O3X NHW I . -22.38 24.96 -23.30
P3X NHW I . -22.68 26.12 -22.16
C4A NHW I . -18.72 21.40 -24.39
O4A NHW I . -19.94 24.67 -31.91
C4M NHW I . -17.93 15.23 -23.63
C4X NHW I . -22.00 24.41 -25.59
O4X NHW I . -21.15 23.22 -25.67
C5A NHW I . -17.46 21.13 -24.96
O5A NHW I . -18.04 25.03 -30.17
C5M NHW I . -19.32 15.86 -23.90
C5X NHW I . -21.73 25.21 -26.80
O5X NHW I . -22.32 24.51 -27.89
C6A NHW I . -16.82 19.93 -24.66
N6A NHW I . -15.61 19.63 -25.11
O6A NHW I . -19.38 22.89 -30.22
C6M NHW I . -20.17 15.91 -22.64
N7A NHW I . -17.11 22.19 -25.70
O7A NHW I . -23.32 25.50 -21.03
C7M NHW I . -20.57 14.44 -22.23
C8A NHW I . -18.12 23.09 -25.61
O8A NHW I . -21.25 26.66 -21.65
C8M NHW I . -21.46 14.37 -21.02
N9A NHW I . -19.10 22.63 -24.82
O9A NHW I . -23.52 27.15 -22.81
C9M NHW I . -21.91 12.91 -20.77
CAM NHW I . -23.07 12.56 -21.75
CBM NHW I . -23.73 11.17 -21.42
CCM NHW I . -24.33 10.99 -20.02
CDM NHW I . -24.55 9.48 -19.71
CEM NHW I . -25.54 9.35 -18.51
S SO4 J . 4.57 22.33 -9.73
O1 SO4 J . 4.03 22.65 -11.06
O2 SO4 J . 4.12 23.34 -8.76
O3 SO4 J . 6.04 22.35 -9.97
O4 SO4 J . 4.21 20.98 -9.23
MG MG K . 33.15 23.82 11.74
CL CL L . 36.20 8.65 13.39
C 3F3 M . 11.51 33.04 6.94
O 3F3 M . 12.60 32.63 7.79
C1 3F3 M . 13.36 31.54 7.46
C22 3F3 M . 14.52 31.38 8.19
C21 3F3 M . 15.36 30.29 8.01
C20 3F3 M . 15.04 29.40 7.00
C3 3F3 M . 13.89 29.56 6.23
C2 3F3 M . 13.03 30.64 6.43
C4 3F3 M . 13.69 28.52 5.14
C5 3F3 M . 13.00 27.28 5.66
O1 3F3 M . 11.62 27.17 5.90
C6 3F3 M . 11.51 25.90 6.36
N1 3F3 M . 12.60 25.18 6.44
N 3F3 M . 13.59 26.12 6.01
C7 3F3 M . 10.23 25.39 6.78
S 3F3 M . 8.79 26.03 6.07
C19 3F3 M . 7.77 24.98 6.85
C18 3F3 M . 6.37 24.97 6.81
C17 3F3 M . 5.57 24.10 7.59
C16 3F3 M . 6.28 23.15 8.41
C15 3F3 M . 7.65 23.14 8.48
C14 3F3 M . 8.44 24.04 7.77
C8 3F3 M . 9.93 24.25 7.63
O2 3F3 M . 10.89 23.59 8.33
C9 3F3 M . 10.71 23.45 9.73
C13 3F3 M . 10.99 22.00 10.16
C12 3F3 M . 12.45 21.70 9.87
N2 3F3 M . 13.30 22.58 10.66
C11 3F3 M . 13.09 23.97 10.26
C10 3F3 M . 11.65 24.43 10.39
S DMS N . 7.93 14.52 16.65
O DMS N . 8.18 13.65 15.42
C1 DMS N . 8.70 16.08 16.66
C2 DMS N . 8.02 13.72 18.17
S1 NHW O . 19.17 21.23 9.47
C2 NHW O . 19.94 22.73 10.22
C3 NHW O . 21.41 22.60 10.44
N4 NHW O . 21.89 23.80 11.12
C5 NHW O . 22.21 24.90 10.42
O5 NHW O . 21.95 24.98 9.20
C6 NHW O . 22.70 26.14 11.28
C7 NHW O . 23.61 27.11 10.49
N8 NHW O . 24.76 26.29 10.05
C9 NHW O . 25.59 25.71 10.94
O9 NHW O . 25.49 25.81 12.16
CP NHW O . 18.29 20.45 10.95
C10 NHW O . 26.77 24.94 10.29
O10 NHW O . 26.96 25.36 8.92
C11 NHW O . 26.57 23.41 10.39
C12 NHW O . 27.62 22.76 9.52
C13 NHW O . 25.24 22.92 9.89
C14 NHW O . 26.77 22.94 11.82
N1A NHW O . 23.28 18.22 8.27
O1A NHW O . 33.07 21.98 8.22
P1A NHW O . 31.83 21.58 8.97
C1M NHW O . 19.20 19.58 11.79
O1M NHW O . 19.75 20.09 12.73
C1X NHW O . 28.04 18.46 6.51
C2A NHW O . 24.19 17.26 8.12
O2A NHW O . 31.84 21.58 10.41
P2A NHW O . 30.03 23.80 9.11
C2M NHW O . 19.60 18.24 11.20
C2X NHW O . 28.63 18.87 5.15
O2X NHW O . 27.90 18.25 4.05
N3A NHW O . 25.37 17.48 7.63
O3A NHW O . 30.71 22.54 8.35
C3M NHW O . 20.99 17.81 11.60
C3X NHW O . 30.05 18.37 5.38
O3X NHW O . 30.14 16.91 5.20
P3X NHW O . 30.84 16.43 3.78
C4A NHW O . 25.70 18.75 7.33
O4A NHW O . 30.97 24.52 9.94
C4M NHW O . 21.39 16.52 10.88
C4X NHW O . 30.33 18.66 6.87
O4X NHW O . 29.02 18.78 7.47
C5A NHW O . 24.75 19.81 7.44
O5A NHW O . 29.30 24.45 8.00
C5M NHW O . 22.75 16.02 11.34
C5X NHW O . 31.08 20.01 7.03
O5X NHW O . 31.30 20.22 8.42
C6A NHW O . 23.49 19.47 7.93
N6A NHW O . 22.51 20.38 8.13
O6A NHW O . 28.93 23.16 10.04
C6M NHW O . 23.02 14.60 10.80
N7A NHW O . 25.36 20.95 7.01
O7A NHW O . 30.59 14.99 3.74
C7M NHW O . 22.31 13.52 11.64
C8A NHW O . 26.62 20.57 6.65
O8A NHW O . 29.89 17.16 2.64
C8M NHW O . 22.72 12.06 11.24
N9A NHW O . 26.80 19.25 6.80
O9A NHW O . 32.26 16.89 3.77
C9M NHW O . 22.13 11.03 12.24
CAM NHW O . 22.83 10.99 13.54
CBM NHW O . 22.28 9.92 14.53
CCM NHW O . 22.36 8.49 13.97
CDM NHW O . 21.87 7.55 15.09
CEM NHW O . 21.69 6.10 14.67
MG MG P . -25.04 -35.57 11.24
CL CL Q . -28.11 -20.66 13.67
C 3F3 R . -3.34 -44.35 6.11
O 3F3 R . -4.53 -44.10 6.93
C1 3F3 R . -5.41 -43.05 6.61
C22 3F3 R . -6.63 -42.95 7.31
C21 3F3 R . -7.54 -41.93 7.08
C20 3F3 R . -7.22 -40.97 6.11
C3 3F3 R . -6.02 -41.05 5.38
C2 3F3 R . -5.09 -42.09 5.64
C4 3F3 R . -5.68 -40.00 4.34
C5 3F3 R . -5.01 -38.80 4.98
O1 3F3 R . -3.64 -38.57 5.17
C6 3F3 R . -3.60 -37.37 5.77
N1 3F3 R . -4.78 -36.80 5.95
N 3F3 R . -5.70 -37.74 5.45
C7 3F3 R . -2.25 -36.88 6.11
S 3F3 R . -0.83 -37.53 5.39
C19 3F3 R . 0.21 -36.54 6.28
C18 3F3 R . 1.56 -36.54 6.23
C17 3F3 R . 2.32 -35.69 7.04
C16 3F3 R . 1.74 -34.78 7.95
C15 3F3 R . 0.33 -34.79 8.04
C14 3F3 R . -0.46 -35.62 7.22
C8 3F3 R . -1.94 -35.86 7.08
O2 3F3 R . -2.93 -35.23 7.80
C9 3F3 R . -2.73 -35.13 9.23
C13 3F3 R . -3.00 -33.69 9.67
C12 3F3 R . -4.47 -33.39 9.43
N2 3F3 R . -5.22 -34.37 10.18
C11 3F3 R . -5.13 -35.78 9.79
C10 3F3 R . -3.65 -36.19 9.89
S DMS S . -0.06 -26.60 16.56
O DMS S . -0.19 -25.87 15.24
C1 DMS S . 1.62 -26.42 16.93
C2 DMS S . -0.17 -28.34 16.53
S1 NHW T . -11.12 -32.99 9.12
C2 NHW T . -11.87 -34.49 9.78
C3 NHW T . -13.34 -34.40 10.14
N4 NHW T . -13.77 -35.67 10.65
C5 NHW T . -14.06 -36.75 9.93
O5 NHW T . -13.99 -36.81 8.70
C6 NHW T . -14.61 -37.91 10.73
C7 NHW T . -15.50 -38.86 9.91
N8 NHW T . -16.75 -38.11 9.53
C9 NHW T . -17.58 -37.61 10.45
O9 NHW T . -17.46 -37.72 11.65
CP NHW T . -10.27 -32.31 10.59
C10 NHW T . -18.76 -36.82 9.82
O10 NHW T . -18.83 -37.19 8.38
C11 NHW T . -18.53 -35.31 9.98
C12 NHW T . -19.59 -34.52 9.10
C13 NHW T . -17.13 -34.93 9.44
C14 NHW T . -18.63 -34.82 11.39
N1A NHW T . -15.18 -29.85 8.02
O1A NHW T . -25.11 -33.62 7.97
P1A NHW T . -23.80 -33.30 8.57
C1M NHW T . -11.19 -31.49 11.50
O1M NHW T . -11.62 -32.05 12.48
C1X NHW T . -20.01 -30.02 6.36
C2A NHW T . -16.08 -28.86 7.91
O2A NHW T . -23.79 -33.26 10.05
P2A NHW T . -21.95 -35.55 8.58
C2M NHW T . -11.57 -30.09 11.09
C2X NHW T . -20.59 -30.41 5.01
O2X NHW T . -19.91 -29.74 3.99
N3A NHW T . -17.31 -29.09 7.42
O3A NHW T . -22.66 -34.31 7.94
C3M NHW T . -13.03 -29.76 11.25
C3X NHW T . -22.02 -29.94 5.18
O3X NHW T . -22.18 -28.50 5.06
P3X NHW T . -22.79 -27.91 3.68
C4A NHW T . -17.70 -30.32 7.05
O4A NHW T . -22.85 -36.38 9.37
C4M NHW T . -13.21 -28.31 10.92
C4X NHW T . -22.28 -30.28 6.64
O4X NHW T . -20.92 -30.45 7.31
C5A NHW T . -16.80 -31.37 7.12
O5A NHW T . -21.27 -36.16 7.42
C5M NHW T . -14.72 -27.90 11.08
C5X NHW T . -23.04 -31.59 6.73
O5X NHW T . -23.28 -31.95 8.11
C6A NHW T . -15.50 -31.09 7.63
N6A NHW T . -14.60 -32.04 7.78
O6A NHW T . -20.84 -34.95 9.59
C6M NHW T . -14.86 -26.43 10.70
N7A NHW T . -17.42 -32.47 6.74
O7A NHW T . -22.67 -26.47 3.77
C7M NHW T . -14.22 -25.49 11.73
C8A NHW T . -18.68 -32.17 6.35
O8A NHW T . -21.79 -28.45 2.60
C8M NHW T . -14.54 -23.99 11.37
N9A NHW T . -18.83 -30.84 6.55
O9A NHW T . -24.19 -28.43 3.49
C9M NHW T . -14.02 -23.02 12.41
CAM NHW T . -14.96 -22.93 13.71
CBM NHW T . -14.41 -21.96 14.77
CCM NHW T . -14.50 -20.49 14.31
CDM NHW T . -13.70 -19.68 15.37
CEM NHW T . -13.54 -18.18 14.91
#